data_8ZW1
#
_entry.id   8ZW1
#
_cell.length_a   57.523
_cell.length_b   59.789
_cell.length_c   72.582
_cell.angle_alpha   102.52
_cell.angle_beta   98.23
_cell.angle_gamma   118.76
#
_symmetry.space_group_name_H-M   'P 1'
#
loop_
_entity.id
_entity.type
_entity.pdbx_description
1 polymer 'Citrate synthase, mitochondrial'
2 non-polymer 'COENZYME A'
3 non-polymer 'CITRIC ACID'
4 non-polymer 'OXALOACETATE ION'
5 non-polymer 'ACETYL COENZYME *A'
6 water water
#
_entity_poly.entity_id   1
_entity_poly.type   'polypeptide(L)'
_entity_poly.pdbx_seq_one_letter_code
;STNLKDILADLIPKEQARIKTFRQQHGKTVVGQITVDMMYGGMRGMKGLVYETSVLDPDEGIRFRGFSIPECQKLLPKAK
GGEEPLPEGLFWLLVTGHIPTEEQVSWLSKEWAKRAALPSHVVTMLDNFPTNLHPMSQLSAAVTALNSESNFARAYAQGI
SRTKYWELIYEDSMDLIAKLPCVAAKIYRNLYREGSGIGAIDSNLDWSHNFTNMLGYTDHQFTELTRLYLTIHSDHEGGN
VSAHTSHLVGSALSDPYLSFAAAMNGLAGPLHGLANQEVLVWLTQLQKEVGKDVSDEKLRDYIWNTLNSGRVVPGYGHAV
LRKTDPRYTCQREFALKHLPNDPMFKLVAQLYKIVPNVLLEQGKAKNPWPNVDAHSGVLLQYYGMTEMNYYTVLFGVSRA
LGVLAQLIWSRALGFPLERPKSMSTEGLMKFVDS
;
_entity_poly.pdbx_strand_id   A,B
#
# COMPACT_ATOMS: atom_id res chain seq x y z
N SER A 1 -18.06 29.67 -6.59
CA SER A 1 -19.28 29.80 -5.74
C SER A 1 -19.75 28.41 -5.31
N THR A 2 -20.17 27.60 -6.29
CA THR A 2 -20.56 26.23 -6.03
C THR A 2 -19.51 25.27 -6.61
N ASN A 3 -18.51 25.81 -7.31
CA ASN A 3 -17.46 24.96 -7.87
C ASN A 3 -16.39 24.70 -6.81
N LEU A 4 -16.39 23.46 -6.30
CA LEU A 4 -15.50 23.03 -5.25
C LEU A 4 -14.04 23.22 -5.66
N LYS A 5 -13.73 22.97 -6.93
CA LYS A 5 -12.34 23.06 -7.39
C LYS A 5 -11.78 24.47 -7.21
N ASP A 6 -12.63 25.50 -7.42
CA ASP A 6 -12.19 26.88 -7.37
C ASP A 6 -12.04 27.33 -5.92
N ILE A 7 -12.94 26.86 -5.05
CA ILE A 7 -12.90 27.19 -3.62
C ILE A 7 -11.65 26.57 -3.01
N LEU A 8 -11.38 25.31 -3.40
CA LEU A 8 -10.17 24.63 -2.97
C LEU A 8 -8.94 25.43 -3.42
N ALA A 9 -8.99 25.95 -4.66
CA ALA A 9 -7.89 26.72 -5.22
C ALA A 9 -7.60 27.95 -4.36
N ASP A 10 -8.66 28.56 -3.82
CA ASP A 10 -8.54 29.76 -3.00
C ASP A 10 -7.91 29.43 -1.63
N LEU A 11 -8.24 28.25 -1.10
CA LEU A 11 -7.82 27.86 0.24
C LEU A 11 -6.37 27.39 0.26
N ILE A 12 -5.88 26.80 -0.84
CA ILE A 12 -4.57 26.17 -0.85
C ILE A 12 -3.50 27.18 -0.43
N PRO A 13 -3.43 28.38 -1.08
CA PRO A 13 -2.40 29.36 -0.75
C PRO A 13 -2.34 29.70 0.73
N LYS A 14 -3.53 29.94 1.32
CA LYS A 14 -3.65 30.25 2.73
C LYS A 14 -3.05 29.13 3.56
N GLU A 15 -3.40 27.89 3.22
CA GLU A 15 -2.90 26.74 3.97
C GLU A 15 -1.39 26.58 3.78
N GLN A 16 -0.90 26.88 2.58
CA GLN A 16 0.54 26.82 2.32
C GLN A 16 1.27 27.82 3.23
N ALA A 17 0.75 29.05 3.28
CA ALA A 17 1.31 30.10 4.12
C ALA A 17 1.35 29.65 5.59
N ARG A 18 0.26 29.04 6.05
CA ARG A 18 0.12 28.65 7.45
C ARG A 18 1.17 27.61 7.84
N ILE A 19 1.32 26.58 7.00
CA ILE A 19 2.26 25.51 7.28
C ILE A 19 3.69 26.04 7.19
N LYS A 20 3.97 26.85 6.16
CA LYS A 20 5.27 27.47 5.98
C LYS A 20 5.60 28.35 7.19
N THR A 21 4.68 29.25 7.55
CA THR A 21 4.83 30.10 8.73
C THR A 21 5.16 29.24 9.94
N PHE A 22 4.43 28.13 10.11
CA PHE A 22 4.60 27.24 11.26
C PHE A 22 5.93 26.49 11.20
N ARG A 23 6.35 26.10 9.99
CA ARG A 23 7.63 25.42 9.81
C ARG A 23 8.78 26.42 9.96
N GLN A 24 8.54 27.66 9.51
CA GLN A 24 9.51 28.73 9.67
C GLN A 24 9.57 29.22 11.13
N GLN A 25 8.81 28.57 12.02
CA GLN A 25 8.79 28.91 13.44
C GLN A 25 9.31 27.76 14.29
N HIS A 26 8.72 26.57 14.11
CA HIS A 26 8.98 25.42 14.96
C HIS A 26 9.50 24.26 14.14
N GLY A 27 10.09 24.57 12.97
CA GLY A 27 10.52 23.55 12.03
C GLY A 27 11.42 22.50 12.69
N LYS A 28 12.30 22.94 13.59
CA LYS A 28 13.32 22.06 14.16
C LYS A 28 12.86 21.46 15.50
N THR A 29 11.65 21.82 15.96
CA THR A 29 11.20 21.46 17.29
C THR A 29 10.98 19.95 17.39
N VAL A 30 11.23 19.40 18.59
CA VAL A 30 11.07 17.98 18.88
C VAL A 30 9.63 17.74 19.35
N VAL A 31 8.96 16.75 18.72
CA VAL A 31 7.57 16.44 19.04
C VAL A 31 7.45 15.07 19.72
N GLY A 32 8.53 14.27 19.74
CA GLY A 32 8.48 12.99 20.43
C GLY A 32 9.77 12.18 20.23
N GLN A 33 9.83 11.05 20.94
CA GLN A 33 11.02 10.19 20.95
C GLN A 33 10.74 8.96 20.10
N ILE A 34 11.82 8.27 19.68
CA ILE A 34 11.72 7.00 18.98
C ILE A 34 12.46 5.94 19.79
N THR A 35 11.74 4.91 20.22
CA THR A 35 12.34 3.84 21.01
C THR A 35 12.48 2.58 20.16
N VAL A 36 13.26 1.63 20.70
CA VAL A 36 13.40 0.29 20.16
C VAL A 36 12.03 -0.40 20.13
N ASP A 37 11.20 -0.13 21.15
CA ASP A 37 9.87 -0.74 21.25
C ASP A 37 8.98 -0.30 20.10
N MET A 38 9.04 1.00 19.77
CA MET A 38 8.23 1.56 18.70
C MET A 38 8.66 0.98 17.36
N MET A 39 9.92 0.52 17.27
CA MET A 39 10.46 -0.02 16.03
C MET A 39 9.91 -1.42 15.80
N TYR A 40 9.94 -2.27 16.83
CA TYR A 40 9.43 -3.63 16.77
C TYR A 40 7.91 -3.61 16.96
N GLY A 41 7.36 -2.49 17.46
CA GLY A 41 5.96 -2.41 17.87
C GLY A 41 5.08 -1.72 16.82
N GLY A 42 5.64 -1.45 15.63
CA GLY A 42 4.87 -0.99 14.49
C GLY A 42 4.53 0.49 14.60
N MET A 43 5.51 1.27 15.06
CA MET A 43 5.39 2.71 15.18
C MET A 43 4.26 3.10 16.13
N ARG A 44 3.92 2.24 17.08
CA ARG A 44 2.89 2.54 18.06
C ARG A 44 3.34 3.73 18.92
N GLY A 45 2.45 4.71 19.12
CA GLY A 45 2.75 5.87 19.94
C GLY A 45 3.58 6.91 19.19
N MET A 46 4.15 6.53 18.04
CA MET A 46 5.06 7.39 17.31
C MET A 46 4.25 8.40 16.48
N LYS A 47 4.62 9.67 16.59
CA LYS A 47 4.01 10.72 15.79
C LYS A 47 4.63 10.67 14.40
N GLY A 48 3.97 9.93 13.51
CA GLY A 48 4.59 9.47 12.28
C GLY A 48 4.48 10.49 11.15
N LEU A 49 3.31 11.14 11.03
CA LEU A 49 3.02 11.90 9.83
C LEU A 49 1.98 12.99 10.10
N VAL A 50 1.97 13.99 9.22
CA VAL A 50 0.95 15.01 9.22
C VAL A 50 -0.18 14.54 8.30
N TYR A 51 -1.41 14.58 8.84
CA TYR A 51 -2.63 14.26 8.12
C TYR A 51 -3.71 15.24 8.57
N GLU A 52 -4.35 15.92 7.60
CA GLU A 52 -5.10 17.14 7.84
C GLU A 52 -6.61 16.90 7.93
N THR A 53 -7.14 15.90 7.23
CA THR A 53 -8.59 15.79 7.08
C THR A 53 -9.27 15.42 8.40
N SER A 54 -8.66 14.54 9.20
CA SER A 54 -9.25 14.16 10.47
C SER A 54 -8.19 13.84 11.51
N VAL A 55 -8.59 13.97 12.79
CA VAL A 55 -7.73 13.73 13.94
C VAL A 55 -8.53 12.96 14.98
N LEU A 56 -7.86 11.98 15.60
CA LEU A 56 -8.47 11.08 16.55
C LEU A 56 -7.79 11.26 17.89
N ASP A 57 -8.32 12.14 18.73
CA ASP A 57 -7.85 12.21 20.11
C ASP A 57 -8.43 11.01 20.85
N PRO A 58 -7.60 10.24 21.59
CA PRO A 58 -8.05 9.00 22.20
C PRO A 58 -9.13 9.16 23.26
N ASP A 59 -9.39 10.41 23.67
CA ASP A 59 -10.36 10.71 24.72
C ASP A 59 -11.76 10.80 24.14
N GLU A 60 -11.95 11.63 23.09
CA GLU A 60 -13.28 11.96 22.59
C GLU A 60 -13.49 11.48 21.15
N GLY A 61 -12.55 10.67 20.62
CA GLY A 61 -12.73 10.01 19.34
C GLY A 61 -12.48 10.95 18.16
N ILE A 62 -12.98 10.54 16.98
CA ILE A 62 -12.61 11.17 15.72
C ILE A 62 -13.23 12.55 15.62
N ARG A 63 -12.48 13.50 15.06
CA ARG A 63 -13.00 14.79 14.62
C ARG A 63 -12.66 14.99 13.15
N PHE A 64 -13.68 15.36 12.35
CA PHE A 64 -13.49 15.74 10.97
C PHE A 64 -13.32 17.25 10.88
N ARG A 65 -12.07 17.71 10.72
CA ARG A 65 -11.76 19.13 10.63
C ARG A 65 -12.20 19.86 11.90
N GLY A 66 -11.94 19.23 13.06
CA GLY A 66 -12.30 19.81 14.34
C GLY A 66 -13.79 19.65 14.68
N PHE A 67 -14.55 18.95 13.83
CA PHE A 67 -15.96 18.67 14.07
C PHE A 67 -16.14 17.21 14.48
N SER A 68 -16.98 16.97 15.50
CA SER A 68 -17.28 15.63 15.96
C SER A 68 -18.43 15.04 15.15
N ILE A 69 -18.63 13.73 15.28
CA ILE A 69 -19.72 13.03 14.62
C ILE A 69 -21.06 13.67 14.98
N PRO A 70 -21.39 13.96 16.27
CA PRO A 70 -22.68 14.58 16.60
C PRO A 70 -22.89 15.92 15.92
N GLU A 71 -21.86 16.78 15.95
CA GLU A 71 -21.91 18.06 15.27
C GLU A 71 -22.23 17.88 13.79
N CYS A 72 -21.55 16.92 13.16
CA CYS A 72 -21.74 16.64 11.75
C CYS A 72 -23.17 16.23 11.45
N GLN A 73 -23.71 15.29 12.24
CA GLN A 73 -25.10 14.86 12.09
C GLN A 73 -26.04 16.06 12.17
N LYS A 74 -25.72 17.01 13.06
CA LYS A 74 -26.53 18.20 13.23
C LYS A 74 -26.29 19.20 12.10
N LEU A 75 -25.02 19.38 11.69
CA LEU A 75 -24.63 20.51 10.84
C LEU A 75 -24.66 20.14 9.36
N LEU A 76 -24.16 18.95 9.01
CA LEU A 76 -24.10 18.53 7.61
C LEU A 76 -25.51 18.47 7.03
N PRO A 77 -25.70 18.85 5.75
CA PRO A 77 -26.99 18.67 5.07
C PRO A 77 -27.46 17.22 4.99
N LYS A 78 -28.77 17.05 4.72
CA LYS A 78 -29.41 15.76 4.65
C LYS A 78 -30.16 15.65 3.31
N ALA A 79 -30.75 14.49 3.05
CA ALA A 79 -31.63 14.31 1.91
C ALA A 79 -32.98 14.94 2.19
N LYS A 80 -33.59 15.51 1.15
CA LYS A 80 -34.96 16.00 1.22
C LYS A 80 -35.82 14.90 1.86
N GLY A 81 -36.45 15.22 3.00
CA GLY A 81 -37.21 14.27 3.79
C GLY A 81 -36.31 13.17 4.38
N GLY A 82 -35.28 13.58 5.13
CA GLY A 82 -34.31 12.65 5.71
C GLY A 82 -33.68 13.19 6.99
N GLU A 83 -32.83 12.36 7.62
CA GLU A 83 -32.28 12.67 8.93
C GLU A 83 -30.77 12.41 9.00
N GLU A 84 -30.23 11.58 8.10
CA GLU A 84 -28.85 11.14 8.19
C GLU A 84 -27.96 11.99 7.28
N PRO A 85 -26.77 12.43 7.75
CA PRO A 85 -25.93 13.32 6.97
C PRO A 85 -25.48 12.67 5.66
N LEU A 86 -25.47 13.46 4.57
CA LEU A 86 -25.06 12.96 3.27
C LEU A 86 -23.54 12.91 3.25
N PRO A 87 -22.91 11.76 2.86
CA PRO A 87 -21.45 11.70 2.69
C PRO A 87 -20.86 12.76 1.76
N GLU A 88 -21.63 13.19 0.75
CA GLU A 88 -21.24 14.32 -0.05
C GLU A 88 -20.78 15.46 0.86
N GLY A 89 -21.66 15.81 1.82
CA GLY A 89 -21.39 16.86 2.79
C GLY A 89 -20.08 16.62 3.56
N LEU A 90 -19.88 15.39 4.02
CA LEU A 90 -18.67 15.00 4.70
C LEU A 90 -17.47 15.29 3.79
N PHE A 91 -17.56 14.86 2.53
CA PHE A 91 -16.45 15.02 1.60
C PHE A 91 -16.12 16.50 1.43
N TRP A 92 -17.16 17.34 1.36
CA TRP A 92 -16.99 18.78 1.21
C TRP A 92 -16.18 19.35 2.36
N LEU A 93 -16.53 18.92 3.58
CA LEU A 93 -15.92 19.43 4.80
C LEU A 93 -14.46 19.03 4.91
N LEU A 94 -14.12 17.80 4.49
CA LEU A 94 -12.76 17.30 4.57
C LEU A 94 -11.88 18.04 3.57
N VAL A 95 -12.43 18.35 2.39
CA VAL A 95 -11.66 19.02 1.34
C VAL A 95 -11.50 20.50 1.67
N THR A 96 -12.58 21.18 2.09
CA THR A 96 -12.55 22.63 2.27
C THR A 96 -12.25 23.03 3.72
N GLY A 97 -12.73 22.24 4.68
CA GLY A 97 -12.64 22.61 6.08
C GLY A 97 -13.89 23.36 6.56
N HIS A 98 -14.86 23.60 5.64
CA HIS A 98 -16.07 24.32 5.98
C HIS A 98 -17.27 23.39 5.78
N ILE A 99 -18.33 23.66 6.54
CA ILE A 99 -19.61 22.95 6.44
C ILE A 99 -20.33 23.41 5.17
N PRO A 100 -20.72 22.50 4.26
CA PRO A 100 -21.35 22.91 3.01
C PRO A 100 -22.82 23.28 3.18
N THR A 101 -23.35 24.07 2.25
CA THR A 101 -24.75 24.48 2.24
C THR A 101 -25.60 23.41 1.55
N GLU A 102 -26.92 23.58 1.59
CA GLU A 102 -27.85 22.74 0.84
C GLU A 102 -27.40 22.70 -0.62
N GLU A 103 -27.15 23.88 -1.19
CA GLU A 103 -26.86 24.03 -2.60
C GLU A 103 -25.54 23.33 -2.94
N GLN A 104 -24.51 23.61 -2.14
CA GLN A 104 -23.17 23.10 -2.37
C GLN A 104 -23.15 21.58 -2.42
N VAL A 105 -23.87 20.93 -1.50
CA VAL A 105 -23.96 19.47 -1.49
C VAL A 105 -24.73 18.98 -2.72
N SER A 106 -25.85 19.65 -3.05
CA SER A 106 -26.66 19.28 -4.20
CA SER A 106 -26.66 19.31 -4.21
C SER A 106 -25.78 19.20 -5.45
N TRP A 107 -25.01 20.26 -5.71
CA TRP A 107 -24.07 20.32 -6.81
C TRP A 107 -23.14 19.10 -6.79
N LEU A 108 -22.57 18.78 -5.62
CA LEU A 108 -21.57 17.74 -5.52
C LEU A 108 -22.18 16.42 -5.95
N SER A 109 -23.45 16.21 -5.62
CA SER A 109 -24.18 14.99 -5.98
C SER A 109 -24.25 14.86 -7.49
N LYS A 110 -24.55 15.96 -8.18
CA LYS A 110 -24.71 15.95 -9.63
C LYS A 110 -23.38 15.64 -10.30
N GLU A 111 -22.30 16.24 -9.79
CA GLU A 111 -20.98 16.08 -10.36
C GLU A 111 -20.53 14.62 -10.28
N TRP A 112 -20.86 13.94 -9.17
CA TRP A 112 -20.47 12.55 -8.99
C TRP A 112 -21.33 11.64 -9.85
N ALA A 113 -22.63 11.98 -9.97
CA ALA A 113 -23.52 11.32 -10.91
C ALA A 113 -23.03 11.50 -12.34
N LYS A 114 -22.52 12.70 -12.67
CA LYS A 114 -22.03 12.99 -14.01
C LYS A 114 -20.88 12.05 -14.38
N ARG A 115 -20.04 11.72 -13.38
CA ARG A 115 -18.77 11.05 -13.61
C ARG A 115 -18.84 9.55 -13.36
N ALA A 116 -20.06 8.98 -13.31
CA ALA A 116 -20.24 7.61 -12.83
C ALA A 116 -19.99 6.55 -13.91
N ALA A 117 -19.56 6.94 -15.11
CA ALA A 117 -19.41 5.98 -16.19
C ALA A 117 -18.21 5.07 -15.92
N LEU A 118 -18.41 3.75 -16.12
CA LEU A 118 -17.36 2.76 -15.98
C LEU A 118 -16.79 2.39 -17.34
N PRO A 119 -15.46 2.48 -17.57
CA PRO A 119 -14.87 1.97 -18.80
C PRO A 119 -15.26 0.51 -19.00
N SER A 120 -15.42 0.11 -20.27
CA SER A 120 -15.98 -1.19 -20.61
C SER A 120 -15.01 -2.32 -20.25
N HIS A 121 -13.70 -2.05 -20.30
CA HIS A 121 -12.74 -3.10 -19.97
C HIS A 121 -12.92 -3.49 -18.50
N VAL A 122 -13.30 -2.52 -17.66
CA VAL A 122 -13.51 -2.79 -16.25
C VAL A 122 -14.78 -3.59 -16.08
N VAL A 123 -15.82 -3.26 -16.84
CA VAL A 123 -17.10 -3.97 -16.79
C VAL A 123 -16.85 -5.42 -17.19
N THR A 124 -16.17 -5.61 -18.34
CA THR A 124 -15.78 -6.94 -18.80
C THR A 124 -15.06 -7.64 -17.65
N MET A 125 -13.95 -7.05 -17.22
CA MET A 125 -13.09 -7.60 -16.20
C MET A 125 -13.89 -8.05 -14.98
N LEU A 126 -14.82 -7.21 -14.52
CA LEU A 126 -15.63 -7.54 -13.36
C LEU A 126 -16.55 -8.72 -13.64
N ASP A 127 -17.11 -8.77 -14.85
CA ASP A 127 -18.07 -9.81 -15.19
C ASP A 127 -17.39 -11.17 -15.34
N ASN A 128 -16.09 -11.15 -15.71
CA ASN A 128 -15.34 -12.37 -15.93
C ASN A 128 -14.73 -12.88 -14.62
N PHE A 129 -14.94 -12.16 -13.50
CA PHE A 129 -14.40 -12.59 -12.22
C PHE A 129 -15.18 -13.81 -11.71
N PRO A 130 -14.48 -14.78 -11.07
CA PRO A 130 -15.14 -15.91 -10.42
C PRO A 130 -15.53 -15.61 -8.97
N THR A 131 -16.38 -16.47 -8.39
CA THR A 131 -17.04 -16.17 -7.12
C THR A 131 -16.10 -16.50 -5.95
N ASN A 132 -15.06 -17.30 -6.19
CA ASN A 132 -14.11 -17.65 -5.16
C ASN A 132 -13.04 -16.55 -5.02
N LEU A 133 -13.11 -15.50 -5.85
CA LEU A 133 -12.32 -14.29 -5.63
C LEU A 133 -13.11 -13.34 -4.73
N HIS A 134 -12.54 -13.03 -3.57
CA HIS A 134 -13.18 -12.27 -2.51
C HIS A 134 -13.62 -10.89 -3.01
N PRO A 135 -14.75 -10.33 -2.51
CA PRO A 135 -15.23 -9.01 -2.93
C PRO A 135 -14.17 -7.91 -2.98
N MET A 136 -13.24 -7.95 -2.02
CA MET A 136 -12.25 -6.89 -1.81
C MET A 136 -11.16 -6.97 -2.87
N SER A 137 -10.78 -8.20 -3.26
CA SER A 137 -9.79 -8.41 -4.31
C SER A 137 -10.34 -7.89 -5.64
N GLN A 138 -11.65 -8.05 -5.84
CA GLN A 138 -12.31 -7.60 -7.06
C GLN A 138 -12.35 -6.08 -7.08
N LEU A 139 -12.73 -5.48 -5.94
CA LEU A 139 -12.72 -4.03 -5.82
C LEU A 139 -11.32 -3.49 -6.11
N SER A 140 -10.31 -4.02 -5.42
CA SER A 140 -8.95 -3.54 -5.57
C SER A 140 -8.46 -3.73 -6.99
N ALA A 141 -8.70 -4.94 -7.52
CA ALA A 141 -8.28 -5.28 -8.87
C ALA A 141 -8.89 -4.30 -9.88
N ALA A 142 -10.18 -4.02 -9.73
CA ALA A 142 -10.90 -3.11 -10.61
C ALA A 142 -10.36 -1.68 -10.51
N VAL A 143 -10.10 -1.21 -9.29
CA VAL A 143 -9.63 0.16 -9.09
C VAL A 143 -8.30 0.34 -9.81
N THR A 144 -7.41 -0.65 -9.73
CA THR A 144 -6.13 -0.57 -10.42
C THR A 144 -6.34 -0.42 -11.91
N ALA A 145 -7.25 -1.23 -12.48
CA ALA A 145 -7.54 -1.26 -13.91
C ALA A 145 -8.04 0.11 -14.37
N LEU A 146 -8.79 0.78 -13.48
CA LEU A 146 -9.38 2.08 -13.75
C LEU A 146 -8.32 3.16 -13.98
N ASN A 147 -7.06 2.91 -13.63
CA ASN A 147 -6.04 3.95 -13.73
C ASN A 147 -5.62 4.17 -15.18
N SER A 148 -6.25 3.45 -16.11
CA SER A 148 -6.18 3.83 -17.51
C SER A 148 -6.84 5.19 -17.72
N GLU A 149 -7.76 5.58 -16.83
CA GLU A 149 -8.49 6.84 -16.93
C GLU A 149 -7.84 7.96 -16.11
N SER A 150 -6.62 7.75 -15.61
CA SER A 150 -5.97 8.72 -14.72
C SER A 150 -5.42 9.91 -15.51
N ASN A 151 -5.99 11.10 -15.28
CA ASN A 151 -5.52 12.31 -15.92
C ASN A 151 -4.16 12.71 -15.34
N PHE A 152 -3.95 12.40 -14.06
CA PHE A 152 -2.71 12.73 -13.37
C PHE A 152 -1.55 11.93 -13.95
N ALA A 153 -1.75 10.63 -14.18
CA ALA A 153 -0.67 9.77 -14.67
C ALA A 153 -0.26 10.19 -16.09
N ARG A 154 -1.24 10.55 -16.94
CA ARG A 154 -0.93 11.07 -18.27
C ARG A 154 -0.19 12.39 -18.14
N ALA A 155 -0.80 13.35 -17.43
CA ALA A 155 -0.24 14.68 -17.28
C ALA A 155 1.20 14.61 -16.78
N TYR A 156 1.44 13.82 -15.72
CA TYR A 156 2.78 13.72 -15.13
C TYR A 156 3.76 13.28 -16.22
N ALA A 157 3.43 12.20 -16.93
CA ALA A 157 4.27 11.71 -18.00
C ALA A 157 4.64 12.85 -18.96
N GLN A 158 3.65 13.68 -19.32
CA GLN A 158 3.84 14.78 -20.27
C GLN A 158 4.63 15.94 -19.65
N GLY A 159 4.96 15.84 -18.36
CA GLY A 159 5.86 16.78 -17.71
C GLY A 159 5.12 18.04 -17.24
N ILE A 160 4.30 17.89 -16.18
CA ILE A 160 3.59 19.02 -15.62
C ILE A 160 4.32 19.52 -14.37
N SER A 161 4.23 20.83 -14.13
CA SER A 161 4.78 21.48 -12.94
C SER A 161 4.12 20.92 -11.67
N ARG A 162 4.90 20.86 -10.58
CA ARG A 162 4.43 20.30 -9.32
C ARG A 162 3.19 21.03 -8.81
N THR A 163 3.14 22.36 -9.06
CA THR A 163 2.14 23.22 -8.46
C THR A 163 0.76 22.89 -9.03
N LYS A 164 0.73 22.11 -10.12
CA LYS A 164 -0.53 21.71 -10.74
C LYS A 164 -0.96 20.30 -10.30
N TYR A 165 -0.08 19.57 -9.61
CA TYR A 165 -0.35 18.20 -9.19
C TYR A 165 -1.76 18.11 -8.60
N TRP A 166 -2.00 18.88 -7.52
CA TRP A 166 -3.24 18.79 -6.76
C TRP A 166 -4.47 18.81 -7.65
N GLU A 167 -4.42 19.56 -8.76
CA GLU A 167 -5.59 19.78 -9.59
C GLU A 167 -5.94 18.51 -10.35
N LEU A 168 -4.93 17.73 -10.76
CA LEU A 168 -5.14 16.49 -11.48
C LEU A 168 -5.63 15.42 -10.51
N ILE A 169 -5.01 15.42 -9.32
CA ILE A 169 -5.38 14.56 -8.21
C ILE A 169 -6.86 14.73 -7.88
N TYR A 170 -7.31 15.99 -7.85
CA TYR A 170 -8.70 16.34 -7.53
C TYR A 170 -9.62 15.68 -8.56
N GLU A 171 -9.25 15.76 -9.84
CA GLU A 171 -10.09 15.28 -10.92
C GLU A 171 -10.25 13.76 -10.83
N ASP A 172 -9.11 13.06 -10.75
CA ASP A 172 -9.09 11.61 -10.63
C ASP A 172 -9.87 11.17 -9.39
N SER A 173 -9.65 11.86 -8.26
CA SER A 173 -10.35 11.59 -7.00
C SER A 173 -11.87 11.63 -7.19
N MET A 174 -12.35 12.67 -7.88
CA MET A 174 -13.79 12.85 -8.09
C MET A 174 -14.33 11.73 -8.97
N ASP A 175 -13.55 11.34 -9.99
CA ASP A 175 -13.94 10.22 -10.85
C ASP A 175 -13.96 8.92 -10.07
N LEU A 176 -12.98 8.71 -9.21
CA LEU A 176 -12.89 7.47 -8.45
C LEU A 176 -14.10 7.36 -7.53
N ILE A 177 -14.37 8.44 -6.76
CA ILE A 177 -15.48 8.46 -5.83
C ILE A 177 -16.77 8.28 -6.61
N ALA A 178 -16.86 8.97 -7.75
CA ALA A 178 -18.03 8.90 -8.61
C ALA A 178 -18.29 7.46 -9.08
N LYS A 179 -17.23 6.67 -9.27
CA LYS A 179 -17.35 5.37 -9.90
C LYS A 179 -17.43 4.22 -8.89
N LEU A 180 -17.10 4.46 -7.61
CA LEU A 180 -16.95 3.39 -6.63
C LEU A 180 -18.27 2.66 -6.39
N PRO A 181 -19.42 3.37 -6.22
CA PRO A 181 -20.70 2.67 -6.09
C PRO A 181 -21.00 1.77 -7.29
N CYS A 182 -20.63 2.23 -8.48
CA CYS A 182 -20.86 1.46 -9.69
C CYS A 182 -20.06 0.17 -9.66
N VAL A 183 -18.79 0.25 -9.22
CA VAL A 183 -17.96 -0.94 -9.11
C VAL A 183 -18.51 -1.83 -7.99
N ALA A 184 -18.75 -1.24 -6.82
CA ALA A 184 -19.13 -1.99 -5.63
C ALA A 184 -20.44 -2.72 -5.87
N ALA A 185 -21.35 -2.06 -6.61
CA ALA A 185 -22.65 -2.63 -6.95
C ALA A 185 -22.49 -3.79 -7.94
N LYS A 186 -21.65 -3.59 -8.97
CA LYS A 186 -21.43 -4.62 -9.97
C LYS A 186 -20.89 -5.89 -9.29
N ILE A 187 -19.98 -5.73 -8.32
CA ILE A 187 -19.42 -6.83 -7.55
C ILE A 187 -20.51 -7.50 -6.71
N TYR A 188 -21.38 -6.70 -6.09
CA TYR A 188 -22.44 -7.21 -5.25
C TYR A 188 -23.40 -8.05 -6.08
N ARG A 189 -23.72 -7.57 -7.29
CA ARG A 189 -24.80 -8.17 -8.07
C ARG A 189 -24.30 -9.40 -8.82
N ASN A 190 -23.02 -9.42 -9.21
CA ASN A 190 -22.43 -10.59 -9.83
C ASN A 190 -22.30 -11.72 -8.80
N LEU A 191 -22.08 -11.35 -7.54
CA LEU A 191 -21.77 -12.33 -6.51
C LEU A 191 -23.03 -12.84 -5.82
N TYR A 192 -24.11 -12.04 -5.84
CA TYR A 192 -25.27 -12.33 -5.01
C TYR A 192 -26.59 -12.10 -5.75
N ARG A 193 -26.54 -11.82 -7.05
CA ARG A 193 -27.75 -11.58 -7.83
C ARG A 193 -27.59 -12.17 -9.24
N GLU A 194 -26.89 -13.31 -9.32
CA GLU A 194 -26.82 -14.08 -10.55
C GLU A 194 -26.35 -13.23 -11.73
N GLY A 195 -25.61 -12.14 -11.46
CA GLY A 195 -24.94 -11.38 -12.50
C GLY A 195 -25.86 -10.39 -13.21
N SER A 196 -26.98 -10.02 -12.56
CA SER A 196 -27.96 -9.11 -13.14
C SER A 196 -27.40 -7.69 -13.19
N GLY A 197 -27.97 -6.86 -14.06
CA GLY A 197 -27.53 -5.49 -14.25
C GLY A 197 -27.69 -4.68 -12.97
N ILE A 198 -26.98 -3.55 -12.91
CA ILE A 198 -26.99 -2.68 -11.74
C ILE A 198 -28.07 -1.60 -11.90
N GLY A 199 -28.40 -1.25 -13.16
CA GLY A 199 -29.37 -0.22 -13.42
C GLY A 199 -28.71 1.15 -13.54
N ALA A 200 -29.43 2.11 -14.11
CA ALA A 200 -28.88 3.39 -14.50
C ALA A 200 -28.72 4.29 -13.28
N ILE A 201 -27.90 5.34 -13.45
CA ILE A 201 -27.73 6.39 -12.46
C ILE A 201 -28.82 7.42 -12.67
N ASP A 202 -29.26 8.05 -11.57
CA ASP A 202 -30.19 9.16 -11.62
C ASP A 202 -29.48 10.41 -11.09
N SER A 203 -29.32 11.43 -11.96
CA SER A 203 -28.48 12.57 -11.66
C SER A 203 -29.14 13.54 -10.68
N ASN A 204 -30.36 13.24 -10.23
CA ASN A 204 -31.03 14.09 -9.27
C ASN A 204 -31.04 13.44 -7.88
N LEU A 205 -30.64 12.16 -7.78
CA LEU A 205 -30.56 11.49 -6.50
C LEU A 205 -29.17 11.70 -5.90
N ASP A 206 -28.98 11.25 -4.65
CA ASP A 206 -27.70 11.40 -3.99
C ASP A 206 -26.87 10.13 -4.21
N TRP A 207 -25.58 10.23 -3.84
CA TRP A 207 -24.58 9.19 -4.03
C TRP A 207 -25.03 7.89 -3.37
N SER A 208 -25.49 7.99 -2.12
CA SER A 208 -25.92 6.83 -1.35
C SER A 208 -27.23 6.28 -1.90
N HIS A 209 -28.02 7.16 -2.53
CA HIS A 209 -29.32 6.77 -3.06
C HIS A 209 -29.09 5.94 -4.33
N ASN A 210 -28.23 6.45 -5.23
CA ASN A 210 -27.87 5.71 -6.42
C ASN A 210 -27.26 4.36 -6.04
N PHE A 211 -26.35 4.38 -5.05
CA PHE A 211 -25.63 3.18 -4.65
C PHE A 211 -26.62 2.06 -4.31
N THR A 212 -27.57 2.34 -3.40
CA THR A 212 -28.51 1.35 -2.89
C THR A 212 -29.52 0.97 -3.98
N ASN A 213 -29.77 1.85 -4.96
CA ASN A 213 -30.62 1.53 -6.10
C ASN A 213 -29.94 0.48 -6.97
N MET A 214 -28.61 0.57 -7.08
CA MET A 214 -27.84 -0.37 -7.88
C MET A 214 -27.60 -1.66 -7.10
N LEU A 215 -27.49 -1.54 -5.77
CA LEU A 215 -27.43 -2.71 -4.92
C LEU A 215 -28.78 -3.43 -4.98
N GLY A 216 -29.83 -2.68 -5.31
CA GLY A 216 -31.16 -3.23 -5.51
C GLY A 216 -31.99 -3.23 -4.22
N TYR A 217 -31.60 -2.36 -3.28
CA TYR A 217 -32.37 -2.12 -2.08
C TYR A 217 -33.19 -0.85 -2.28
N THR A 218 -34.42 -0.86 -1.76
CA THR A 218 -35.26 0.34 -1.79
C THR A 218 -36.14 0.38 -0.54
N ASP A 219 -35.53 0.08 0.60
CA ASP A 219 -36.05 0.49 1.88
C ASP A 219 -35.40 1.83 2.23
N HIS A 220 -36.23 2.86 2.42
CA HIS A 220 -35.76 4.19 2.75
C HIS A 220 -34.75 4.12 3.90
N GLN A 221 -35.06 3.27 4.89
CA GLN A 221 -34.28 3.16 6.11
C GLN A 221 -32.87 2.66 5.84
N PHE A 222 -32.71 1.83 4.80
CA PHE A 222 -31.42 1.28 4.45
C PHE A 222 -30.60 2.33 3.70
N THR A 223 -31.27 3.13 2.86
CA THR A 223 -30.63 4.26 2.22
C THR A 223 -30.11 5.21 3.31
N GLU A 224 -30.93 5.45 4.36
CA GLU A 224 -30.53 6.31 5.46
C GLU A 224 -29.34 5.69 6.22
N LEU A 225 -29.37 4.36 6.40
CA LEU A 225 -28.27 3.67 7.07
C LEU A 225 -26.99 3.86 6.28
N THR A 226 -27.06 3.59 4.97
CA THR A 226 -25.93 3.77 4.07
C THR A 226 -25.34 5.16 4.25
N ARG A 227 -26.20 6.18 4.21
CA ARG A 227 -25.77 7.56 4.32
C ARG A 227 -24.95 7.74 5.60
N LEU A 228 -25.47 7.23 6.72
CA LEU A 228 -24.77 7.34 7.99
C LEU A 228 -23.46 6.57 7.92
N TYR A 229 -23.53 5.34 7.36
CA TYR A 229 -22.43 4.39 7.41
C TYR A 229 -21.26 4.96 6.62
N LEU A 230 -21.55 5.54 5.46
CA LEU A 230 -20.53 6.08 4.58
C LEU A 230 -19.91 7.35 5.15
N THR A 231 -20.69 8.14 5.91
CA THR A 231 -20.14 9.31 6.58
C THR A 231 -19.16 8.87 7.67
N ILE A 232 -19.64 8.04 8.61
CA ILE A 232 -18.88 7.80 9.84
C ILE A 232 -17.63 6.98 9.55
N HIS A 233 -17.65 6.13 8.51
CA HIS A 233 -16.49 5.32 8.14
C HIS A 233 -15.52 6.09 7.24
N SER A 234 -15.80 7.36 6.97
CA SER A 234 -15.13 8.10 5.90
C SER A 234 -13.63 8.22 6.14
N ASP A 235 -13.22 8.59 7.37
CA ASP A 235 -11.82 8.83 7.69
C ASP A 235 -11.59 8.48 9.16
N HIS A 236 -10.33 8.29 9.56
CA HIS A 236 -9.98 8.02 10.94
C HIS A 236 -8.50 8.26 11.17
N GLU A 237 -8.02 9.43 10.76
CA GLU A 237 -6.64 9.82 10.96
C GLU A 237 -5.73 9.23 9.87
N GLY A 238 -4.44 9.55 9.96
CA GLY A 238 -3.50 9.13 8.95
C GLY A 238 -2.90 7.77 9.27
N GLY A 239 -3.03 7.35 10.53
CA GLY A 239 -2.20 6.29 11.08
C GLY A 239 -2.78 4.91 10.86
N ASN A 240 -4.07 4.84 10.48
CA ASN A 240 -4.71 3.58 10.19
C ASN A 240 -4.15 3.05 8.87
N VAL A 241 -4.20 1.73 8.68
CA VAL A 241 -3.46 1.05 7.61
C VAL A 241 -3.95 1.49 6.24
N SER A 242 -5.26 1.66 6.06
CA SER A 242 -5.80 2.07 4.77
C SER A 242 -5.38 3.50 4.43
N ALA A 243 -5.53 4.43 5.37
CA ALA A 243 -5.17 5.81 5.11
C ALA A 243 -3.65 5.94 4.91
N HIS A 244 -2.89 5.09 5.59
CA HIS A 244 -1.44 5.25 5.63
C HIS A 244 -0.83 4.66 4.36
N THR A 245 -1.34 3.49 3.93
CA THR A 245 -0.96 2.93 2.65
C THR A 245 -1.16 3.96 1.53
N SER A 246 -2.36 4.57 1.49
CA SER A 246 -2.67 5.52 0.44
C SER A 246 -1.72 6.70 0.52
N HIS A 247 -1.43 7.13 1.76
CA HIS A 247 -0.55 8.25 2.00
C HIS A 247 0.82 7.89 1.42
N LEU A 248 1.31 6.74 1.87
CA LEU A 248 2.61 6.23 1.51
C LEU A 248 2.71 6.05 0.00
N VAL A 249 1.72 5.33 -0.57
CA VAL A 249 1.72 5.08 -2.00
C VAL A 249 1.52 6.39 -2.75
N GLY A 250 0.69 7.29 -2.19
CA GLY A 250 0.44 8.58 -2.82
C GLY A 250 1.69 9.45 -2.89
N SER A 251 2.60 9.28 -1.92
CA SER A 251 3.78 10.13 -1.81
C SER A 251 4.80 9.87 -2.92
N ALA A 252 4.68 8.72 -3.60
CA ALA A 252 5.57 8.37 -4.71
C ALA A 252 5.03 8.93 -6.02
N LEU A 253 3.89 9.63 -5.94
CA LEU A 253 3.21 10.26 -7.06
C LEU A 253 2.51 9.20 -7.91
N SER A 254 2.15 8.08 -7.28
CA SER A 254 1.20 7.14 -7.83
C SER A 254 -0.18 7.78 -7.79
N ASP A 255 -1.02 7.47 -8.78
CA ASP A 255 -2.23 8.25 -8.99
C ASP A 255 -3.25 7.84 -7.91
N PRO A 256 -4.39 8.55 -7.78
CA PRO A 256 -5.44 8.16 -6.83
C PRO A 256 -6.01 6.74 -6.98
N TYR A 257 -6.00 6.20 -8.20
CA TYR A 257 -6.49 4.86 -8.43
C TYR A 257 -5.48 3.86 -7.83
N LEU A 258 -4.20 4.06 -8.10
CA LEU A 258 -3.21 3.14 -7.55
C LEU A 258 -3.14 3.31 -6.03
N SER A 259 -3.19 4.55 -5.53
CA SER A 259 -3.11 4.80 -4.10
C SER A 259 -4.27 4.15 -3.35
N PHE A 260 -5.47 4.23 -3.92
CA PHE A 260 -6.67 3.74 -3.24
C PHE A 260 -6.74 2.23 -3.32
N ALA A 261 -6.36 1.66 -4.48
CA ALA A 261 -6.30 0.21 -4.65
C ALA A 261 -5.38 -0.39 -3.60
N ALA A 262 -4.23 0.26 -3.39
CA ALA A 262 -3.28 -0.20 -2.38
C ALA A 262 -3.91 -0.15 -1.00
N ALA A 263 -4.56 0.98 -0.69
CA ALA A 263 -5.25 1.15 0.58
C ALA A 263 -6.28 0.05 0.80
N MET A 264 -6.92 -0.44 -0.28
CA MET A 264 -7.97 -1.44 -0.17
C MET A 264 -7.36 -2.81 0.15
N ASN A 265 -6.17 -3.09 -0.41
CA ASN A 265 -5.43 -4.29 -0.08
C ASN A 265 -5.01 -4.29 1.39
N GLY A 266 -4.72 -3.10 1.93
CA GLY A 266 -4.49 -2.94 3.36
C GLY A 266 -5.77 -3.17 4.13
N LEU A 267 -6.88 -2.64 3.60
CA LEU A 267 -8.17 -2.74 4.25
C LEU A 267 -8.70 -4.17 4.25
N ALA A 268 -8.27 -4.99 3.29
CA ALA A 268 -8.78 -6.35 3.17
C ALA A 268 -8.13 -7.25 4.23
N GLY A 269 -7.09 -6.73 4.90
CA GLY A 269 -6.38 -7.45 5.94
C GLY A 269 -7.29 -7.73 7.13
N PRO A 270 -7.34 -9.00 7.59
CA PRO A 270 -8.08 -9.39 8.80
C PRO A 270 -8.09 -8.44 9.99
N LEU A 271 -6.93 -7.88 10.32
CA LEU A 271 -6.78 -7.04 11.50
C LEU A 271 -7.25 -5.61 11.24
N HIS A 272 -7.48 -5.25 9.97
CA HIS A 272 -7.90 -3.90 9.66
C HIS A 272 -9.42 -3.83 9.41
N GLY A 273 -9.96 -4.74 8.58
CA GLY A 273 -11.33 -4.55 8.10
C GLY A 273 -12.10 -5.85 7.97
N LEU A 274 -11.99 -6.74 8.98
CA LEU A 274 -12.81 -7.93 9.07
C LEU A 274 -13.56 -7.99 10.41
N ALA A 275 -13.32 -7.01 11.29
CA ALA A 275 -13.81 -7.08 12.67
C ALA A 275 -15.34 -7.05 12.70
N ASN A 276 -15.95 -6.38 11.71
CA ASN A 276 -17.39 -6.38 11.49
C ASN A 276 -17.88 -7.81 11.21
N GLN A 277 -17.16 -8.54 10.36
CA GLN A 277 -17.46 -9.94 10.09
C GLN A 277 -17.23 -10.80 11.33
N GLU A 278 -16.10 -10.57 12.01
CA GLU A 278 -15.70 -11.34 13.18
C GLU A 278 -16.72 -11.18 14.31
N VAL A 279 -17.26 -9.97 14.46
CA VAL A 279 -18.24 -9.68 15.50
C VAL A 279 -19.48 -10.55 15.28
N LEU A 280 -19.96 -10.57 14.03
CA LEU A 280 -21.26 -11.14 13.71
C LEU A 280 -21.20 -12.67 13.72
N VAL A 281 -20.00 -13.24 13.45
CA VAL A 281 -19.73 -14.65 13.66
C VAL A 281 -19.86 -14.98 15.14
N TRP A 282 -19.31 -14.09 15.98
CA TRP A 282 -19.21 -14.32 17.42
C TRP A 282 -20.50 -13.96 18.14
N LEU A 283 -21.34 -13.11 17.51
CA LEU A 283 -22.66 -12.80 18.04
C LEU A 283 -23.62 -13.96 17.70
N THR A 284 -23.42 -14.56 16.52
CA THR A 284 -24.31 -15.61 16.04
C THR A 284 -24.21 -16.83 16.95
N GLN A 285 -22.98 -17.33 17.15
CA GLN A 285 -22.77 -18.52 17.96
C GLN A 285 -23.26 -18.26 19.38
N LEU A 286 -23.03 -17.05 19.90
CA LEU A 286 -23.47 -16.67 21.23
C LEU A 286 -24.98 -16.86 21.37
N GLN A 287 -25.71 -16.70 20.26
CA GLN A 287 -27.12 -17.04 20.21
C GLN A 287 -27.34 -18.40 19.55
N LYS A 288 -26.52 -19.37 19.95
CA LYS A 288 -26.82 -20.79 19.77
C LYS A 288 -26.18 -21.57 20.92
N GLU A 289 -24.93 -21.21 21.25
CA GLU A 289 -24.19 -21.83 22.34
C GLU A 289 -24.77 -21.40 23.69
N VAL A 290 -25.52 -20.28 23.68
CA VAL A 290 -26.36 -19.88 24.80
C VAL A 290 -27.72 -19.50 24.21
N GLY A 291 -28.76 -19.56 25.03
CA GLY A 291 -30.11 -19.20 24.58
C GLY A 291 -30.12 -17.81 23.95
N LYS A 292 -31.13 -17.55 23.11
CA LYS A 292 -31.31 -16.23 22.51
C LYS A 292 -31.56 -15.22 23.62
N ASP A 293 -32.54 -15.52 24.47
CA ASP A 293 -32.81 -14.76 25.69
C ASP A 293 -31.88 -15.24 26.79
N VAL A 294 -30.99 -14.36 27.26
CA VAL A 294 -29.93 -14.73 28.18
C VAL A 294 -29.90 -13.75 29.34
N SER A 295 -29.60 -14.26 30.54
CA SER A 295 -29.41 -13.43 31.72
C SER A 295 -28.07 -12.72 31.62
N ASP A 296 -27.91 -11.63 32.36
CA ASP A 296 -26.72 -10.82 32.32
C ASP A 296 -25.63 -11.43 33.19
N GLU A 297 -25.97 -12.48 33.96
CA GLU A 297 -24.96 -13.28 34.63
C GLU A 297 -24.44 -14.35 33.66
N LYS A 298 -25.35 -15.08 33.00
CA LYS A 298 -24.96 -16.10 32.04
C LYS A 298 -24.04 -15.48 30.99
N LEU A 299 -24.45 -14.33 30.46
CA LEU A 299 -23.68 -13.61 29.47
C LEU A 299 -22.32 -13.25 30.03
N ARG A 300 -22.31 -12.63 31.21
CA ARG A 300 -21.09 -12.20 31.89
C ARG A 300 -20.11 -13.36 32.01
N ASP A 301 -20.63 -14.54 32.39
CA ASP A 301 -19.81 -15.75 32.48
C ASP A 301 -19.23 -16.09 31.11
N TYR A 302 -20.10 -16.11 30.08
CA TYR A 302 -19.67 -16.42 28.73
C TYR A 302 -18.45 -15.58 28.36
N ILE A 303 -18.47 -14.30 28.75
CA ILE A 303 -17.41 -13.38 28.42
C ILE A 303 -16.12 -13.84 29.10
N TRP A 304 -16.23 -14.22 30.39
CA TRP A 304 -15.06 -14.70 31.12
C TRP A 304 -14.56 -16.04 30.59
N ASN A 305 -15.50 -16.90 30.16
CA ASN A 305 -15.15 -18.16 29.52
C ASN A 305 -14.52 -17.91 28.16
N THR A 306 -14.86 -16.76 27.54
CA THR A 306 -14.26 -16.32 26.30
C THR A 306 -12.79 -15.92 26.55
N LEU A 307 -12.58 -15.06 27.54
CA LEU A 307 -11.27 -14.49 27.82
C LEU A 307 -10.26 -15.58 28.19
N ASN A 308 -10.69 -16.53 29.03
CA ASN A 308 -9.84 -17.60 29.52
C ASN A 308 -9.41 -18.51 28.36
N SER A 309 -10.30 -18.73 27.39
CA SER A 309 -10.07 -19.67 26.31
C SER A 309 -8.99 -19.18 25.32
N GLY A 310 -8.47 -17.96 25.54
CA GLY A 310 -7.41 -17.42 24.70
C GLY A 310 -7.96 -16.71 23.46
N ARG A 311 -9.25 -16.38 23.48
CA ARG A 311 -9.92 -15.70 22.37
C ARG A 311 -10.33 -14.30 22.85
N VAL A 312 -10.40 -13.38 21.88
CA VAL A 312 -10.66 -11.98 22.16
C VAL A 312 -12.15 -11.73 21.96
N VAL A 313 -12.68 -10.70 22.63
CA VAL A 313 -14.05 -10.27 22.41
C VAL A 313 -14.03 -9.29 21.23
N PRO A 314 -14.58 -9.67 20.06
CA PRO A 314 -14.52 -8.79 18.89
C PRO A 314 -15.48 -7.62 19.06
N GLY A 315 -15.10 -6.46 18.54
CA GLY A 315 -15.89 -5.24 18.64
C GLY A 315 -15.41 -4.31 19.75
N TYR A 316 -14.52 -4.80 20.62
CA TYR A 316 -14.09 -4.05 21.80
C TYR A 316 -12.58 -3.82 21.73
N GLY A 317 -12.14 -2.61 22.12
CA GLY A 317 -10.73 -2.23 22.09
C GLY A 317 -10.36 -1.50 20.80
N HIS A 318 -9.16 -0.91 20.79
CA HIS A 318 -8.65 -0.16 19.64
C HIS A 318 -7.17 0.19 19.87
N ALA A 319 -6.47 0.55 18.77
CA ALA A 319 -5.04 0.86 18.79
C ALA A 319 -4.74 2.21 19.45
N VAL A 320 -5.68 3.16 19.44
CA VAL A 320 -5.45 4.44 20.10
C VAL A 320 -6.70 4.95 20.84
N LEU A 321 -7.91 4.61 20.40
CA LEU A 321 -9.10 4.94 21.18
C LEU A 321 -8.94 4.38 22.59
N ARG A 322 -9.43 5.14 23.58
CA ARG A 322 -9.45 4.72 24.98
C ARG A 322 -10.80 5.03 25.62
N LYS A 323 -11.87 5.02 24.82
CA LYS A 323 -13.23 5.26 25.31
C LYS A 323 -14.21 4.77 24.24
N THR A 324 -15.50 4.68 24.56
CA THR A 324 -16.51 4.33 23.57
C THR A 324 -16.27 5.14 22.30
N ASP A 325 -16.11 4.44 21.17
CA ASP A 325 -15.95 5.05 19.86
C ASP A 325 -17.24 5.80 19.51
N PRO A 326 -17.19 7.09 19.10
CA PRO A 326 -18.39 7.82 18.68
C PRO A 326 -19.16 7.17 17.52
N ARG A 327 -18.44 6.42 16.67
CA ARG A 327 -19.05 5.73 15.55
C ARG A 327 -19.92 4.57 16.04
N TYR A 328 -19.57 3.97 17.19
CA TYR A 328 -20.42 2.99 17.83
C TYR A 328 -21.71 3.67 18.30
N THR A 329 -21.54 4.75 19.09
CA THR A 329 -22.65 5.46 19.72
C THR A 329 -23.64 5.93 18.66
N CYS A 330 -23.08 6.55 17.61
CA CYS A 330 -23.83 6.99 16.45
C CYS A 330 -24.74 5.88 15.92
N GLN A 331 -24.22 4.66 15.79
CA GLN A 331 -24.96 3.52 15.26
C GLN A 331 -25.94 2.98 16.30
N ARG A 332 -25.53 3.02 17.58
CA ARG A 332 -26.43 2.67 18.68
C ARG A 332 -27.67 3.56 18.64
N GLU A 333 -27.48 4.88 18.45
CA GLU A 333 -28.58 5.82 18.38
C GLU A 333 -29.52 5.47 17.22
N PHE A 334 -28.94 5.16 16.06
CA PHE A 334 -29.70 4.85 14.86
C PHE A 334 -30.61 3.65 15.09
N ALA A 335 -30.14 2.69 15.89
CA ALA A 335 -30.85 1.43 16.13
C ALA A 335 -32.01 1.62 17.09
N LEU A 336 -31.83 2.52 18.07
CA LEU A 336 -32.87 2.78 19.05
C LEU A 336 -34.09 3.41 18.36
N LYS A 337 -33.86 4.10 17.23
CA LYS A 337 -34.94 4.66 16.42
C LYS A 337 -35.62 3.58 15.58
N HIS A 338 -34.80 2.75 14.91
CA HIS A 338 -35.26 2.07 13.71
C HIS A 338 -35.44 0.57 13.90
N LEU A 339 -34.88 -0.01 14.96
CA LEU A 339 -35.06 -1.44 15.20
C LEU A 339 -34.77 -1.77 16.66
N PRO A 340 -35.47 -1.15 17.63
CA PRO A 340 -35.16 -1.35 19.05
C PRO A 340 -35.41 -2.77 19.56
N ASN A 341 -36.35 -3.49 18.94
CA ASN A 341 -36.77 -4.79 19.45
C ASN A 341 -36.10 -5.92 18.66
N ASP A 342 -35.17 -5.59 17.75
CA ASP A 342 -34.44 -6.60 17.00
C ASP A 342 -33.62 -7.45 17.98
N PRO A 343 -33.76 -8.80 17.96
CA PRO A 343 -33.00 -9.66 18.89
C PRO A 343 -31.48 -9.48 18.84
N MET A 344 -30.91 -9.45 17.63
CA MET A 344 -29.47 -9.26 17.47
C MET A 344 -29.03 -7.92 18.06
N PHE A 345 -29.87 -6.89 17.94
CA PHE A 345 -29.57 -5.59 18.54
C PHE A 345 -29.56 -5.70 20.07
N LYS A 346 -30.60 -6.30 20.65
CA LYS A 346 -30.74 -6.39 22.10
C LYS A 346 -29.53 -7.07 22.71
N LEU A 347 -28.87 -7.97 21.97
CA LEU A 347 -27.66 -8.62 22.43
C LEU A 347 -26.51 -7.62 22.46
N VAL A 348 -26.29 -6.94 21.32
CA VAL A 348 -25.24 -5.94 21.21
C VAL A 348 -25.38 -4.98 22.39
N ALA A 349 -26.60 -4.45 22.59
CA ALA A 349 -26.91 -3.55 23.69
C ALA A 349 -26.59 -4.20 25.04
N GLN A 350 -26.91 -5.50 25.18
CA GLN A 350 -26.62 -6.23 26.40
C GLN A 350 -25.12 -6.24 26.68
N LEU A 351 -24.32 -6.57 25.65
CA LEU A 351 -22.87 -6.70 25.79
C LEU A 351 -22.24 -5.37 26.20
N TYR A 352 -22.85 -4.25 25.80
CA TYR A 352 -22.33 -2.93 26.10
C TYR A 352 -22.38 -2.67 27.61
N LYS A 353 -23.36 -3.29 28.30
CA LYS A 353 -23.50 -3.19 29.75
C LYS A 353 -22.42 -4.02 30.46
N ILE A 354 -22.12 -5.20 29.91
CA ILE A 354 -21.34 -6.22 30.59
C ILE A 354 -19.86 -6.11 30.22
N VAL A 355 -19.54 -6.28 28.94
CA VAL A 355 -18.18 -6.53 28.50
C VAL A 355 -17.23 -5.48 29.09
N PRO A 356 -17.55 -4.17 29.03
CA PRO A 356 -16.67 -3.14 29.62
C PRO A 356 -16.30 -3.36 31.08
N ASN A 357 -17.22 -3.91 31.88
CA ASN A 357 -16.98 -4.09 33.31
C ASN A 357 -15.89 -5.14 33.52
N VAL A 358 -15.82 -6.16 32.64
CA VAL A 358 -14.99 -7.33 32.89
C VAL A 358 -13.57 -7.14 32.33
N LEU A 359 -13.43 -6.36 31.25
CA LEU A 359 -12.14 -6.25 30.58
C LEU A 359 -11.17 -5.46 31.46
N LEU A 360 -11.67 -4.41 32.12
CA LEU A 360 -10.87 -3.59 33.01
C LEU A 360 -10.46 -4.40 34.24
N GLU A 361 -11.35 -5.28 34.71
CA GLU A 361 -11.03 -6.19 35.81
C GLU A 361 -9.83 -7.04 35.42
N GLN A 362 -10.01 -7.89 34.39
CA GLN A 362 -8.91 -8.63 33.79
C GLN A 362 -7.68 -7.73 33.75
N GLY A 363 -7.83 -6.56 33.12
CA GLY A 363 -6.81 -5.53 33.16
C GLY A 363 -6.11 -5.36 31.82
N LYS A 364 -5.91 -6.48 31.10
CA LYS A 364 -5.14 -6.50 29.87
C LYS A 364 -5.54 -5.34 28.96
N ALA A 365 -6.82 -5.28 28.55
CA ALA A 365 -7.29 -4.28 27.61
C ALA A 365 -7.13 -2.87 28.17
N LYS A 366 -6.43 -2.01 27.42
CA LYS A 366 -6.29 -0.61 27.78
C LYS A 366 -7.53 0.17 27.33
N ASN A 367 -8.26 -0.39 26.36
CA ASN A 367 -9.52 0.18 25.90
C ASN A 367 -10.61 -0.87 26.05
N PRO A 368 -11.35 -0.88 27.19
CA PRO A 368 -12.38 -1.88 27.42
C PRO A 368 -13.69 -1.63 26.68
N TRP A 369 -13.75 -0.54 25.89
CA TRP A 369 -14.99 -0.06 25.31
C TRP A 369 -15.13 -0.53 23.86
N PRO A 370 -16.36 -0.59 23.31
CA PRO A 370 -16.57 -1.07 21.96
C PRO A 370 -16.12 -0.10 20.86
N ASN A 371 -15.80 -0.68 19.70
CA ASN A 371 -15.46 0.09 18.52
C ASN A 371 -16.59 -0.05 17.51
N VAL A 372 -16.43 0.63 16.36
CA VAL A 372 -17.47 0.72 15.34
C VAL A 372 -17.93 -0.66 14.88
N ASP A 373 -17.02 -1.63 14.82
CA ASP A 373 -17.24 -2.93 14.19
C ASP A 373 -18.21 -3.78 15.04
N ALA A 374 -18.30 -3.45 16.34
CA ALA A 374 -19.26 -4.08 17.22
C ALA A 374 -20.70 -3.92 16.72
N HIS A 375 -21.01 -2.82 16.02
CA HIS A 375 -22.40 -2.43 15.85
C HIS A 375 -22.87 -2.51 14.41
N SER A 376 -21.97 -2.50 13.43
CA SER A 376 -22.38 -2.26 12.04
C SER A 376 -23.07 -3.49 11.45
N GLY A 377 -22.58 -4.68 11.82
CA GLY A 377 -23.05 -5.94 11.26
C GLY A 377 -24.54 -6.17 11.50
N VAL A 378 -25.00 -5.89 12.72
CA VAL A 378 -26.38 -6.18 13.12
C VAL A 378 -27.33 -5.21 12.41
N LEU A 379 -26.86 -4.00 12.13
CA LEU A 379 -27.64 -3.03 11.37
C LEU A 379 -27.73 -3.49 9.91
N LEU A 380 -26.62 -3.97 9.35
CA LEU A 380 -26.60 -4.38 7.96
C LEU A 380 -27.46 -5.63 7.77
N GLN A 381 -27.25 -6.63 8.61
CA GLN A 381 -28.01 -7.87 8.55
C GLN A 381 -29.51 -7.58 8.61
N TYR A 382 -29.91 -6.66 9.49
CA TYR A 382 -31.30 -6.33 9.70
C TYR A 382 -32.01 -5.91 8.41
N TYR A 383 -31.31 -5.20 7.51
CA TYR A 383 -31.93 -4.72 6.28
C TYR A 383 -31.78 -5.73 5.16
N GLY A 384 -31.21 -6.91 5.47
CA GLY A 384 -31.06 -7.98 4.48
C GLY A 384 -29.73 -7.90 3.73
N MET A 385 -28.77 -7.19 4.33
CA MET A 385 -27.40 -7.15 3.86
C MET A 385 -26.63 -8.17 4.69
N THR A 386 -26.77 -9.44 4.32
CA THR A 386 -26.32 -10.53 5.17
C THR A 386 -25.08 -11.21 4.59
N GLU A 387 -24.56 -10.68 3.46
CA GLU A 387 -23.35 -11.22 2.83
C GLU A 387 -22.13 -10.64 3.53
N MET A 388 -21.61 -11.36 4.54
CA MET A 388 -20.58 -10.83 5.43
C MET A 388 -19.30 -10.46 4.68
N ASN A 389 -18.95 -11.25 3.65
CA ASN A 389 -17.72 -11.02 2.91
C ASN A 389 -17.73 -9.64 2.26
N TYR A 390 -18.92 -9.19 1.85
CA TYR A 390 -19.08 -7.93 1.14
C TYR A 390 -18.92 -6.73 2.07
N TYR A 391 -19.16 -6.92 3.38
CA TYR A 391 -19.21 -5.80 4.31
C TYR A 391 -18.03 -4.87 4.09
N THR A 392 -16.82 -5.42 3.84
CA THR A 392 -15.63 -4.58 3.76
C THR A 392 -15.65 -3.69 2.53
N VAL A 393 -16.39 -4.10 1.48
CA VAL A 393 -16.57 -3.25 0.31
C VAL A 393 -17.27 -1.95 0.72
N LEU A 394 -18.23 -2.03 1.65
CA LEU A 394 -18.92 -0.83 2.10
C LEU A 394 -17.94 0.10 2.80
N PHE A 395 -17.16 -0.49 3.73
CA PHE A 395 -16.15 0.24 4.47
C PHE A 395 -15.25 0.98 3.48
N GLY A 396 -14.78 0.25 2.45
CA GLY A 396 -13.81 0.76 1.50
C GLY A 396 -14.33 1.94 0.67
N VAL A 397 -15.58 1.84 0.20
CA VAL A 397 -16.23 2.91 -0.54
C VAL A 397 -16.29 4.15 0.34
N SER A 398 -16.54 3.94 1.64
CA SER A 398 -16.60 5.02 2.59
C SER A 398 -15.24 5.68 2.75
N ARG A 399 -14.19 4.86 2.92
CA ARG A 399 -12.87 5.34 3.29
C ARG A 399 -12.26 6.14 2.14
N ALA A 400 -12.81 5.96 0.93
CA ALA A 400 -12.37 6.70 -0.25
C ALA A 400 -12.55 8.20 -0.05
N LEU A 401 -13.58 8.60 0.70
CA LEU A 401 -13.83 10.02 0.93
C LEU A 401 -12.70 10.63 1.73
N GLY A 402 -12.21 9.89 2.74
CA GLY A 402 -11.20 10.42 3.66
C GLY A 402 -9.80 10.44 3.03
N VAL A 403 -9.43 9.32 2.40
CA VAL A 403 -8.07 9.15 1.96
C VAL A 403 -7.81 9.97 0.69
N LEU A 404 -8.85 10.25 -0.09
CA LEU A 404 -8.71 11.05 -1.30
C LEU A 404 -8.85 12.54 -1.00
N ALA A 405 -9.68 12.91 -0.02
CA ALA A 405 -9.62 14.25 0.51
C ALA A 405 -8.18 14.58 0.90
N GLN A 406 -7.57 13.69 1.68
CA GLN A 406 -6.23 13.98 2.19
C GLN A 406 -5.24 14.04 1.04
N LEU A 407 -5.37 13.12 0.08
CA LEU A 407 -4.41 12.96 -1.00
C LEU A 407 -4.31 14.24 -1.83
N ILE A 408 -5.45 14.90 -2.05
CA ILE A 408 -5.47 16.19 -2.72
C ILE A 408 -4.59 17.19 -1.97
N TRP A 409 -4.70 17.21 -0.64
CA TRP A 409 -3.98 18.17 0.18
C TRP A 409 -2.51 17.81 0.32
N SER A 410 -2.16 16.51 0.36
CA SER A 410 -0.76 16.11 0.39
C SER A 410 -0.05 16.57 -0.88
N ARG A 411 -0.75 16.56 -2.02
CA ARG A 411 -0.15 16.98 -3.27
C ARG A 411 -0.21 18.51 -3.41
N ALA A 412 -1.21 19.16 -2.81
CA ALA A 412 -1.31 20.62 -2.87
C ALA A 412 -0.27 21.26 -1.96
N LEU A 413 0.07 20.57 -0.87
CA LEU A 413 1.06 21.07 0.05
C LEU A 413 2.44 20.54 -0.29
N GLY A 414 2.54 19.78 -1.38
CA GLY A 414 3.80 19.21 -1.82
C GLY A 414 4.50 18.39 -0.72
N PHE A 415 3.75 17.52 -0.02
CA PHE A 415 4.37 16.58 0.89
C PHE A 415 5.27 15.68 0.06
N PRO A 416 6.48 15.34 0.55
CA PRO A 416 7.42 14.53 -0.21
C PRO A 416 7.36 13.03 0.10
N LEU A 417 8.17 12.26 -0.63
CA LEU A 417 8.22 10.81 -0.51
C LEU A 417 8.31 10.43 0.96
N GLU A 418 7.37 9.59 1.42
CA GLU A 418 7.51 8.93 2.70
C GLU A 418 8.59 7.85 2.57
N ARG A 419 9.63 7.99 3.38
CA ARG A 419 10.84 7.20 3.22
C ARG A 419 11.61 7.24 4.53
N PRO A 420 11.18 6.46 5.55
CA PRO A 420 11.96 6.30 6.78
C PRO A 420 13.21 5.46 6.58
N LYS A 421 14.07 5.51 7.59
CA LYS A 421 15.24 4.65 7.72
C LYS A 421 14.81 3.43 8.53
N SER A 422 15.24 2.23 8.10
CA SER A 422 14.98 1.00 8.83
C SER A 422 16.27 0.48 9.43
N MET A 423 16.15 -0.53 10.30
CA MET A 423 17.29 -1.19 10.91
C MET A 423 17.00 -2.68 11.04
N SER A 424 18.06 -3.49 10.97
CA SER A 424 17.96 -4.91 11.32
C SER A 424 18.13 -5.05 12.84
N THR A 425 17.64 -6.17 13.39
CA THR A 425 17.96 -6.54 14.77
C THR A 425 19.46 -6.34 14.99
N GLU A 426 20.27 -7.14 14.27
CA GLU A 426 21.70 -7.15 14.48
C GLU A 426 22.25 -5.73 14.47
N GLY A 427 21.73 -4.91 13.54
CA GLY A 427 22.12 -3.51 13.42
C GLY A 427 21.71 -2.67 14.63
N LEU A 428 20.51 -2.95 15.16
CA LEU A 428 20.00 -2.25 16.33
C LEU A 428 20.89 -2.51 17.54
N MET A 429 21.34 -3.76 17.69
CA MET A 429 22.18 -4.17 18.81
C MET A 429 23.49 -3.38 18.81
N LYS A 430 24.07 -3.16 17.63
CA LYS A 430 25.31 -2.41 17.53
C LYS A 430 25.05 -0.93 17.83
N PHE A 431 23.86 -0.44 17.51
CA PHE A 431 23.54 0.97 17.65
C PHE A 431 23.43 1.38 19.12
N VAL A 432 22.76 0.56 19.93
CA VAL A 432 22.45 0.92 21.31
C VAL A 432 23.74 0.99 22.13
N ASP A 433 24.74 0.16 21.76
CA ASP A 433 26.05 0.21 22.38
C ASP A 433 26.65 1.59 22.18
N SER A 434 27.03 1.91 20.93
CA SER A 434 27.59 3.20 20.60
C SER A 434 26.46 4.20 20.30
N SER B 1 17.42 -30.60 4.63
CA SER B 1 18.58 -30.91 3.74
C SER B 1 18.71 -29.85 2.66
N THR B 2 17.86 -29.96 1.63
CA THR B 2 17.72 -28.93 0.61
C THR B 2 16.34 -28.29 0.72
N ASN B 3 15.62 -28.62 1.82
CA ASN B 3 14.28 -28.10 2.06
C ASN B 3 14.39 -26.82 2.89
N LEU B 4 14.14 -25.68 2.23
CA LEU B 4 14.32 -24.36 2.84
C LEU B 4 13.36 -24.21 4.02
N LYS B 5 12.16 -24.78 3.90
CA LYS B 5 11.12 -24.62 4.90
C LYS B 5 11.50 -25.37 6.18
N ASP B 6 12.20 -26.50 6.05
CA ASP B 6 12.73 -27.22 7.20
C ASP B 6 13.88 -26.42 7.82
N ILE B 7 14.75 -25.86 6.97
CA ILE B 7 15.89 -25.06 7.42
C ILE B 7 15.39 -23.83 8.15
N LEU B 8 14.28 -23.25 7.68
CA LEU B 8 13.76 -22.01 8.22
C LEU B 8 13.05 -22.28 9.55
N ALA B 9 12.30 -23.39 9.61
CA ALA B 9 11.63 -23.83 10.83
C ALA B 9 12.62 -23.96 11.99
N ASP B 10 13.83 -24.43 11.69
CA ASP B 10 14.85 -24.63 12.72
C ASP B 10 15.55 -23.32 13.07
N LEU B 11 15.37 -22.29 12.24
CA LEU B 11 16.02 -21.01 12.48
C LEU B 11 15.10 -20.10 13.28
N ILE B 12 13.79 -20.21 13.04
CA ILE B 12 12.84 -19.22 13.54
C ILE B 12 12.90 -19.12 15.07
N PRO B 13 12.85 -20.25 15.85
CA PRO B 13 12.90 -20.17 17.31
C PRO B 13 14.17 -19.52 17.86
N LYS B 14 15.32 -19.83 17.24
CA LYS B 14 16.58 -19.21 17.64
C LYS B 14 16.43 -17.69 17.55
N GLU B 15 15.96 -17.24 16.39
CA GLU B 15 15.83 -15.82 16.11
C GLU B 15 14.80 -15.18 17.04
N GLN B 16 13.71 -15.90 17.31
CA GLN B 16 12.67 -15.39 18.20
C GLN B 16 13.23 -15.08 19.58
N ALA B 17 14.07 -15.98 20.13
CA ALA B 17 14.62 -15.81 21.46
C ALA B 17 15.52 -14.57 21.50
N ARG B 18 16.41 -14.49 20.51
CA ARG B 18 17.36 -13.40 20.40
C ARG B 18 16.61 -12.06 20.41
N ILE B 19 15.49 -11.98 19.69
CA ILE B 19 14.72 -10.74 19.58
C ILE B 19 13.97 -10.47 20.87
N LYS B 20 13.33 -11.50 21.44
CA LYS B 20 12.53 -11.39 22.65
C LYS B 20 13.42 -10.93 23.81
N THR B 21 14.65 -11.46 23.87
CA THR B 21 15.63 -11.05 24.86
C THR B 21 16.01 -9.58 24.64
N PHE B 22 16.24 -9.22 23.37
CA PHE B 22 16.76 -7.91 23.03
C PHE B 22 15.79 -6.81 23.45
N ARG B 23 14.47 -7.09 23.39
CA ARG B 23 13.46 -6.13 23.78
C ARG B 23 13.28 -6.15 25.31
N GLN B 24 13.60 -7.30 25.93
CA GLN B 24 13.56 -7.46 27.37
C GLN B 24 14.78 -6.82 28.03
N GLN B 25 15.64 -6.16 27.25
CA GLN B 25 16.82 -5.50 27.79
C GLN B 25 16.81 -4.01 27.45
N HIS B 26 16.45 -3.66 26.19
CA HIS B 26 16.72 -2.33 25.66
C HIS B 26 15.51 -1.74 24.94
N GLY B 27 14.30 -2.26 25.24
CA GLY B 27 13.08 -1.80 24.59
C GLY B 27 12.88 -0.29 24.66
N LYS B 28 13.36 0.35 25.74
CA LYS B 28 13.00 1.74 26.01
C LYS B 28 14.18 2.69 25.74
N THR B 29 15.07 2.30 24.82
CA THR B 29 16.22 3.11 24.45
C THR B 29 15.85 4.06 23.31
N VAL B 30 15.78 5.36 23.60
CA VAL B 30 15.53 6.38 22.59
C VAL B 30 16.64 6.32 21.54
N VAL B 31 16.28 6.06 20.28
CA VAL B 31 17.25 5.95 19.20
C VAL B 31 17.17 7.16 18.27
N GLY B 32 16.13 8.00 18.44
CA GLY B 32 15.97 9.15 17.57
C GLY B 32 14.95 10.14 18.11
N GLN B 33 15.08 11.40 17.66
CA GLN B 33 14.09 12.43 17.92
C GLN B 33 13.13 12.47 16.73
N ILE B 34 12.00 13.16 16.91
CA ILE B 34 11.05 13.41 15.84
C ILE B 34 10.79 14.92 15.79
N THR B 35 11.22 15.59 14.73
CA THR B 35 10.97 17.01 14.59
C THR B 35 9.71 17.23 13.76
N VAL B 36 9.16 18.44 13.86
CA VAL B 36 8.06 18.86 13.00
C VAL B 36 8.42 18.58 11.54
N ASP B 37 9.68 18.87 11.17
CA ASP B 37 10.15 18.72 9.81
C ASP B 37 10.13 17.26 9.39
N MET B 38 10.40 16.33 10.32
CA MET B 38 10.34 14.91 10.02
C MET B 38 8.90 14.49 9.68
N MET B 39 7.91 15.13 10.30
CA MET B 39 6.52 14.77 10.12
C MET B 39 5.99 15.35 8.81
N TYR B 40 6.47 16.55 8.45
CA TYR B 40 6.13 17.18 7.19
C TYR B 40 7.06 16.67 6.09
N GLY B 41 8.22 16.09 6.47
CA GLY B 41 9.25 15.74 5.50
C GLY B 41 9.27 14.26 5.16
N GLY B 42 8.22 13.52 5.53
CA GLY B 42 8.04 12.12 5.14
C GLY B 42 8.96 11.19 5.92
N MET B 43 9.10 11.45 7.22
CA MET B 43 9.86 10.61 8.13
C MET B 43 11.34 10.59 7.73
N ARG B 44 11.78 11.67 7.12
CA ARG B 44 13.19 11.74 6.65
C ARG B 44 14.13 11.71 7.88
N GLY B 45 14.93 10.67 7.99
CA GLY B 45 15.86 10.50 9.10
C GLY B 45 15.26 9.69 10.24
N MET B 46 13.93 9.45 10.19
CA MET B 46 13.24 8.72 11.24
C MET B 46 13.57 7.23 11.11
N LYS B 47 14.11 6.65 12.19
CA LYS B 47 14.23 5.21 12.32
C LYS B 47 12.86 4.66 12.72
N GLY B 48 12.16 4.02 11.77
CA GLY B 48 10.74 3.73 11.90
C GLY B 48 10.43 2.26 12.19
N LEU B 49 11.21 1.34 11.61
CA LEU B 49 10.80 -0.05 11.61
C LEU B 49 11.99 -1.00 11.51
N VAL B 50 11.72 -2.26 11.83
CA VAL B 50 12.69 -3.34 11.78
C VAL B 50 12.56 -4.04 10.43
N TYR B 51 13.67 -4.16 9.71
CA TYR B 51 13.71 -4.91 8.48
C TYR B 51 15.00 -5.71 8.48
N GLU B 52 14.88 -7.05 8.44
CA GLU B 52 15.97 -7.94 8.78
C GLU B 52 16.84 -8.27 7.57
N THR B 53 16.26 -8.24 6.36
CA THR B 53 16.87 -8.91 5.22
C THR B 53 18.00 -8.06 4.62
N SER B 54 17.88 -6.74 4.64
CA SER B 54 18.92 -5.88 4.10
C SER B 54 18.97 -4.53 4.81
N VAL B 55 20.15 -3.88 4.72
CA VAL B 55 20.43 -2.67 5.44
C VAL B 55 21.24 -1.76 4.52
N LEU B 56 20.92 -0.46 4.55
CA LEU B 56 21.50 0.50 3.62
C LEU B 56 22.31 1.54 4.41
N ASP B 57 23.63 1.42 4.34
CA ASP B 57 24.51 2.44 4.90
C ASP B 57 24.60 3.61 3.92
N PRO B 58 24.49 4.87 4.39
CA PRO B 58 24.51 6.02 3.49
C PRO B 58 25.88 6.34 2.85
N ASP B 59 26.84 5.43 3.00
CA ASP B 59 28.20 5.65 2.52
C ASP B 59 28.57 4.61 1.46
N GLU B 60 28.33 3.32 1.75
CA GLU B 60 28.80 2.25 0.89
C GLU B 60 27.64 1.44 0.31
N GLY B 61 26.41 1.97 0.46
CA GLY B 61 25.24 1.36 -0.16
C GLY B 61 24.74 0.14 0.61
N ILE B 62 24.04 -0.73 -0.11
CA ILE B 62 23.24 -1.80 0.47
C ILE B 62 24.13 -2.97 0.91
N ARG B 63 23.71 -3.65 1.97
CA ARG B 63 24.22 -4.97 2.31
C ARG B 63 23.03 -5.91 2.43
N PHE B 64 23.14 -7.08 1.77
CA PHE B 64 22.19 -8.17 1.94
C PHE B 64 22.72 -9.05 3.07
N ARG B 65 21.96 -9.12 4.18
CA ARG B 65 22.34 -9.86 5.37
C ARG B 65 23.85 -9.83 5.61
N GLY B 66 24.46 -8.65 5.50
CA GLY B 66 25.87 -8.45 5.84
C GLY B 66 26.77 -8.29 4.61
N PHE B 67 26.40 -8.92 3.50
CA PHE B 67 27.26 -9.00 2.32
C PHE B 67 26.96 -7.84 1.37
N SER B 68 28.01 -7.19 0.85
CA SER B 68 27.85 -6.17 -0.17
C SER B 68 27.60 -6.83 -1.52
N ILE B 69 27.44 -6.00 -2.56
CA ILE B 69 27.16 -6.49 -3.92
C ILE B 69 28.38 -7.26 -4.44
N PRO B 70 29.62 -6.72 -4.39
CA PRO B 70 30.78 -7.49 -4.84
C PRO B 70 30.92 -8.85 -4.15
N GLU B 71 30.64 -8.89 -2.85
CA GLU B 71 30.75 -10.12 -2.07
C GLU B 71 29.73 -11.14 -2.56
N CYS B 72 28.54 -10.67 -2.91
CA CYS B 72 27.50 -11.53 -3.43
C CYS B 72 27.90 -12.05 -4.81
N GLN B 73 28.50 -11.19 -5.63
CA GLN B 73 28.94 -11.59 -6.96
C GLN B 73 29.92 -12.76 -6.89
N LYS B 74 30.77 -12.78 -5.86
CA LYS B 74 31.81 -13.79 -5.73
C LYS B 74 31.25 -15.11 -5.20
N LEU B 75 30.39 -15.04 -4.17
CA LEU B 75 30.06 -16.19 -3.33
C LEU B 75 28.83 -16.93 -3.83
N LEU B 76 27.85 -16.20 -4.36
CA LEU B 76 26.56 -16.76 -4.69
C LEU B 76 26.69 -17.68 -5.90
N PRO B 77 26.04 -18.86 -5.89
CA PRO B 77 26.13 -19.78 -7.03
C PRO B 77 25.76 -19.07 -8.32
N LYS B 78 26.20 -19.64 -9.44
CA LYS B 78 25.90 -19.11 -10.76
C LYS B 78 25.30 -20.23 -11.59
N ALA B 79 24.84 -19.91 -12.79
CA ALA B 79 24.40 -20.93 -13.74
C ALA B 79 25.64 -21.64 -14.30
N LYS B 80 25.47 -22.90 -14.70
CA LYS B 80 26.53 -23.62 -15.39
C LYS B 80 27.02 -22.74 -16.54
N GLY B 81 28.30 -22.36 -16.47
CA GLY B 81 28.88 -21.50 -17.48
C GLY B 81 28.33 -20.08 -17.38
N GLY B 82 28.23 -19.58 -16.14
CA GLY B 82 27.80 -18.21 -15.89
C GLY B 82 28.83 -17.49 -15.02
N GLU B 83 28.65 -16.17 -14.87
CA GLU B 83 29.48 -15.41 -13.95
C GLU B 83 28.63 -14.47 -13.08
N GLU B 84 27.33 -14.32 -13.37
CA GLU B 84 26.48 -13.48 -12.55
C GLU B 84 25.69 -14.34 -11.57
N PRO B 85 25.46 -13.85 -10.33
CA PRO B 85 24.80 -14.65 -9.30
C PRO B 85 23.33 -14.87 -9.64
N LEU B 86 22.80 -16.04 -9.25
CA LEU B 86 21.40 -16.37 -9.52
C LEU B 86 20.53 -15.70 -8.46
N PRO B 87 19.34 -15.17 -8.83
CA PRO B 87 18.40 -14.63 -7.84
C PRO B 87 17.97 -15.66 -6.81
N GLU B 88 17.87 -16.92 -7.23
CA GLU B 88 17.55 -18.01 -6.31
C GLU B 88 18.46 -17.94 -5.09
N GLY B 89 19.77 -17.79 -5.34
CA GLY B 89 20.75 -17.77 -4.26
C GLY B 89 20.55 -16.57 -3.34
N LEU B 90 20.23 -15.42 -3.95
CA LEU B 90 20.01 -14.20 -3.20
C LEU B 90 18.86 -14.42 -2.23
N PHE B 91 17.75 -14.95 -2.74
CA PHE B 91 16.57 -15.20 -1.94
C PHE B 91 16.93 -16.07 -0.76
N TRP B 92 17.66 -17.17 -1.01
CA TRP B 92 18.13 -18.06 0.04
C TRP B 92 18.92 -17.28 1.10
N LEU B 93 19.79 -16.38 0.65
CA LEU B 93 20.60 -15.59 1.56
C LEU B 93 19.70 -14.71 2.44
N LEU B 94 18.61 -14.17 1.88
CA LEU B 94 17.76 -13.25 2.60
C LEU B 94 16.85 -13.99 3.56
N VAL B 95 16.46 -15.22 3.21
CA VAL B 95 15.56 -16.03 4.01
C VAL B 95 16.32 -16.66 5.17
N THR B 96 17.47 -17.28 4.87
CA THR B 96 18.22 -18.04 5.85
C THR B 96 19.23 -17.15 6.57
N GLY B 97 19.79 -16.18 5.84
CA GLY B 97 20.89 -15.37 6.37
C GLY B 97 22.24 -16.00 6.07
N HIS B 98 22.24 -17.04 5.22
CA HIS B 98 23.44 -17.80 4.92
C HIS B 98 23.53 -18.04 3.41
N ILE B 99 24.76 -18.00 2.88
CA ILE B 99 25.05 -18.26 1.47
C ILE B 99 24.68 -19.70 1.15
N PRO B 100 23.86 -19.97 0.11
CA PRO B 100 23.48 -21.35 -0.23
C PRO B 100 24.53 -22.08 -1.06
N THR B 101 24.45 -23.41 -1.05
CA THR B 101 25.28 -24.27 -1.87
C THR B 101 24.68 -24.28 -3.28
N GLU B 102 25.49 -24.71 -4.26
CA GLU B 102 25.02 -25.02 -5.60
C GLU B 102 23.70 -25.79 -5.54
N GLU B 103 23.66 -26.79 -4.66
CA GLU B 103 22.62 -27.81 -4.69
C GLU B 103 21.34 -27.28 -4.06
N GLN B 104 21.48 -26.38 -3.07
CA GLN B 104 20.35 -25.70 -2.47
C GLN B 104 19.67 -24.80 -3.50
N VAL B 105 20.47 -24.03 -4.25
CA VAL B 105 19.96 -23.18 -5.31
C VAL B 105 19.26 -24.03 -6.37
N SER B 106 19.91 -25.12 -6.78
CA SER B 106 19.35 -26.02 -7.77
CA SER B 106 19.34 -26.01 -7.77
C SER B 106 17.93 -26.43 -7.36
N TRP B 107 17.80 -26.92 -6.12
CA TRP B 107 16.52 -27.36 -5.61
C TRP B 107 15.49 -26.23 -5.63
N LEU B 108 15.96 -25.00 -5.36
CA LEU B 108 15.08 -23.83 -5.37
C LEU B 108 14.61 -23.57 -6.79
N SER B 109 15.51 -23.70 -7.77
CA SER B 109 15.15 -23.55 -9.17
C SER B 109 14.10 -24.60 -9.54
N LYS B 110 14.23 -25.81 -8.99
CA LYS B 110 13.28 -26.88 -9.21
C LYS B 110 11.93 -26.58 -8.56
N GLU B 111 11.94 -26.00 -7.35
CA GLU B 111 10.69 -25.72 -6.64
C GLU B 111 9.87 -24.66 -7.36
N TRP B 112 10.54 -23.66 -7.94
CA TRP B 112 9.86 -22.53 -8.56
C TRP B 112 9.33 -22.87 -9.95
N ALA B 113 9.83 -23.94 -10.57
CA ALA B 113 9.30 -24.39 -11.85
C ALA B 113 8.02 -25.20 -11.65
N LYS B 114 7.94 -25.92 -10.52
CA LYS B 114 6.78 -26.76 -10.20
C LYS B 114 5.54 -25.90 -9.91
N ARG B 115 5.75 -24.78 -9.22
CA ARG B 115 4.68 -23.96 -8.69
C ARG B 115 4.32 -22.84 -9.67
N ALA B 116 4.76 -22.94 -10.92
CA ALA B 116 4.74 -21.84 -11.86
C ALA B 116 3.40 -21.75 -12.60
N ALA B 117 2.44 -22.60 -12.21
CA ALA B 117 1.19 -22.70 -12.92
C ALA B 117 0.27 -21.54 -12.54
N LEU B 118 -0.50 -21.05 -13.52
CA LEU B 118 -1.43 -19.95 -13.33
C LEU B 118 -2.85 -20.52 -13.31
N PRO B 119 -3.74 -20.05 -12.40
CA PRO B 119 -5.17 -20.30 -12.54
C PRO B 119 -5.69 -19.66 -13.82
N SER B 120 -6.80 -20.22 -14.33
CA SER B 120 -7.31 -19.85 -15.64
C SER B 120 -7.93 -18.45 -15.63
N HIS B 121 -8.59 -18.08 -14.53
CA HIS B 121 -9.24 -16.78 -14.43
C HIS B 121 -8.20 -15.67 -14.61
N VAL B 122 -6.99 -15.91 -14.10
CA VAL B 122 -5.89 -14.94 -14.19
C VAL B 122 -5.37 -14.86 -15.62
N VAL B 123 -5.28 -16.00 -16.30
CA VAL B 123 -4.86 -16.02 -17.70
C VAL B 123 -5.86 -15.26 -18.55
N THR B 124 -7.15 -15.47 -18.32
CA THR B 124 -8.19 -14.80 -19.11
C THR B 124 -8.14 -13.30 -18.87
N MET B 125 -7.98 -12.91 -17.60
CA MET B 125 -8.00 -11.51 -17.18
C MET B 125 -6.90 -10.73 -17.89
N LEU B 126 -5.70 -11.32 -17.94
CA LEU B 126 -4.56 -10.72 -18.63
C LEU B 126 -4.84 -10.63 -20.13
N ASP B 127 -5.37 -11.70 -20.71
CA ASP B 127 -5.70 -11.71 -22.12
C ASP B 127 -6.64 -10.55 -22.45
N ASN B 128 -7.53 -10.20 -21.51
CA ASN B 128 -8.53 -9.16 -21.73
C ASN B 128 -8.12 -7.87 -21.03
N PHE B 129 -6.84 -7.50 -21.14
CA PHE B 129 -6.38 -6.20 -20.67
C PHE B 129 -6.07 -5.34 -21.88
N PRO B 130 -6.59 -4.09 -21.96
CA PRO B 130 -6.35 -3.21 -23.09
C PRO B 130 -4.91 -2.70 -23.12
N THR B 131 -4.52 -2.14 -24.26
CA THR B 131 -3.14 -1.77 -24.52
C THR B 131 -2.82 -0.38 -23.95
N ASN B 132 -3.79 0.25 -23.28
CA ASN B 132 -3.60 1.56 -22.70
C ASN B 132 -3.62 1.46 -21.17
N LEU B 133 -3.61 0.22 -20.65
CA LEU B 133 -3.46 -0.02 -19.23
C LEU B 133 -1.99 -0.34 -18.98
N HIS B 134 -1.34 0.53 -18.18
CA HIS B 134 0.09 0.45 -17.92
C HIS B 134 0.48 -0.97 -17.47
N PRO B 135 1.62 -1.50 -17.97
CA PRO B 135 2.17 -2.78 -17.51
C PRO B 135 2.06 -3.04 -16.02
N MET B 136 2.44 -2.02 -15.21
CA MET B 136 2.49 -2.15 -13.76
C MET B 136 1.08 -2.34 -13.18
N SER B 137 0.11 -1.62 -13.74
CA SER B 137 -1.28 -1.78 -13.34
C SER B 137 -1.74 -3.21 -13.61
N GLN B 138 -1.36 -3.74 -14.78
CA GLN B 138 -1.69 -5.10 -15.15
C GLN B 138 -1.04 -6.06 -14.16
N LEU B 139 0.23 -5.81 -13.81
CA LEU B 139 0.95 -6.65 -12.86
C LEU B 139 0.20 -6.68 -11.53
N SER B 140 -0.04 -5.50 -10.95
CA SER B 140 -0.69 -5.41 -9.65
C SER B 140 -2.06 -6.07 -9.69
N ALA B 141 -2.84 -5.73 -10.72
CA ALA B 141 -4.19 -6.23 -10.87
C ALA B 141 -4.21 -7.76 -10.92
N ALA B 142 -3.28 -8.32 -11.70
CA ALA B 142 -3.19 -9.77 -11.88
C ALA B 142 -2.81 -10.44 -10.57
N VAL B 143 -1.85 -9.86 -9.85
CA VAL B 143 -1.39 -10.41 -8.59
C VAL B 143 -2.51 -10.35 -7.55
N THR B 144 -3.25 -9.23 -7.48
CA THR B 144 -4.40 -9.13 -6.59
C THR B 144 -5.32 -10.33 -6.84
N ALA B 145 -5.58 -10.61 -8.12
CA ALA B 145 -6.54 -11.65 -8.54
C ALA B 145 -6.02 -13.04 -8.23
N LEU B 146 -4.70 -13.21 -8.19
CA LEU B 146 -4.08 -14.48 -7.81
C LEU B 146 -4.48 -14.84 -6.38
N ASN B 147 -5.00 -13.89 -5.60
CA ASN B 147 -5.12 -14.09 -4.16
C ASN B 147 -6.16 -15.17 -3.86
N SER B 148 -6.93 -15.56 -4.89
CA SER B 148 -7.89 -16.65 -4.76
C SER B 148 -7.20 -18.00 -4.53
N GLU B 149 -5.91 -18.10 -4.89
CA GLU B 149 -5.12 -19.32 -4.66
C GLU B 149 -4.42 -19.28 -3.31
N SER B 150 -4.72 -18.28 -2.47
CA SER B 150 -3.94 -18.04 -1.27
C SER B 150 -4.23 -19.11 -0.21
N ASN B 151 -3.17 -19.77 0.27
CA ASN B 151 -3.28 -20.70 1.39
C ASN B 151 -3.56 -19.94 2.68
N PHE B 152 -2.85 -18.82 2.88
CA PHE B 152 -2.93 -18.07 4.11
C PHE B 152 -4.36 -17.55 4.31
N ALA B 153 -5.06 -17.25 3.20
CA ALA B 153 -6.36 -16.61 3.26
C ALA B 153 -7.40 -17.59 3.80
N ARG B 154 -7.49 -18.78 3.20
CA ARG B 154 -8.41 -19.80 3.67
C ARG B 154 -7.99 -20.30 5.06
N ALA B 155 -6.68 -20.45 5.28
CA ALA B 155 -6.17 -20.92 6.56
C ALA B 155 -6.67 -20.03 7.69
N TYR B 156 -6.45 -18.72 7.54
CA TYR B 156 -6.85 -17.73 8.53
C TYR B 156 -8.37 -17.79 8.75
N ALA B 157 -9.12 -18.07 7.68
CA ALA B 157 -10.58 -18.12 7.74
C ALA B 157 -11.05 -19.21 8.69
N GLN B 158 -10.33 -20.33 8.73
CA GLN B 158 -10.68 -21.48 9.55
C GLN B 158 -10.15 -21.34 10.97
N GLY B 159 -9.32 -20.32 11.21
CA GLY B 159 -8.80 -20.05 12.53
C GLY B 159 -7.50 -20.82 12.79
N ILE B 160 -6.54 -20.67 11.87
CA ILE B 160 -5.21 -21.24 12.05
C ILE B 160 -4.55 -20.49 13.20
N SER B 161 -3.55 -21.12 13.83
CA SER B 161 -2.82 -20.55 14.95
C SER B 161 -1.78 -19.55 14.46
N ARG B 162 -1.55 -18.50 15.28
CA ARG B 162 -0.54 -17.49 15.04
C ARG B 162 0.85 -18.10 14.81
N THR B 163 1.12 -19.23 15.49
CA THR B 163 2.42 -19.88 15.43
C THR B 163 2.69 -20.41 14.03
N LYS B 164 1.63 -20.63 13.24
CA LYS B 164 1.72 -21.28 11.94
C LYS B 164 1.61 -20.28 10.79
N TYR B 165 1.46 -18.99 11.09
CA TYR B 165 1.27 -17.99 10.05
C TYR B 165 2.41 -18.04 9.03
N TRP B 166 3.66 -17.92 9.51
CA TRP B 166 4.81 -17.81 8.64
C TRP B 166 4.83 -18.96 7.63
N GLU B 167 4.28 -20.12 8.00
CA GLU B 167 4.30 -21.31 7.17
C GLU B 167 3.42 -21.12 5.93
N LEU B 168 2.29 -20.42 6.11
CA LEU B 168 1.37 -20.23 5.00
C LEU B 168 1.85 -19.06 4.14
N ILE B 169 2.49 -18.08 4.78
CA ILE B 169 3.13 -16.99 4.08
C ILE B 169 4.14 -17.59 3.12
N TYR B 170 4.97 -18.49 3.67
CA TYR B 170 6.06 -19.12 2.94
C TYR B 170 5.52 -19.76 1.66
N GLU B 171 4.52 -20.62 1.83
CA GLU B 171 3.93 -21.33 0.71
C GLU B 171 3.37 -20.33 -0.31
N ASP B 172 2.68 -19.29 0.17
CA ASP B 172 2.08 -18.29 -0.69
C ASP B 172 3.17 -17.51 -1.43
N SER B 173 4.29 -17.29 -0.74
CA SER B 173 5.42 -16.54 -1.29
C SER B 173 6.12 -17.35 -2.37
N MET B 174 6.39 -18.63 -2.10
CA MET B 174 7.05 -19.51 -3.05
C MET B 174 6.19 -19.63 -4.31
N ASP B 175 4.86 -19.64 -4.13
CA ASP B 175 3.93 -19.74 -5.25
C ASP B 175 3.94 -18.46 -6.08
N LEU B 176 4.01 -17.30 -5.40
CA LEU B 176 3.90 -16.01 -6.09
C LEU B 176 5.17 -15.78 -6.90
N ILE B 177 6.32 -16.03 -6.28
CA ILE B 177 7.61 -15.82 -6.94
C ILE B 177 7.68 -16.69 -8.19
N ALA B 178 7.21 -17.92 -8.06
CA ALA B 178 7.22 -18.89 -9.15
C ALA B 178 6.40 -18.37 -10.32
N LYS B 179 5.28 -17.72 -10.02
CA LYS B 179 4.28 -17.37 -11.04
C LYS B 179 4.56 -15.99 -11.64
N LEU B 180 5.47 -15.23 -11.02
CA LEU B 180 5.67 -13.83 -11.39
C LEU B 180 6.18 -13.76 -12.84
N PRO B 181 7.33 -14.37 -13.18
CA PRO B 181 7.76 -14.45 -14.58
C PRO B 181 6.65 -14.75 -15.57
N CYS B 182 5.78 -15.71 -15.24
CA CYS B 182 4.68 -16.08 -16.13
C CYS B 182 3.72 -14.90 -16.34
N VAL B 183 3.33 -14.23 -15.25
CA VAL B 183 2.45 -13.05 -15.32
C VAL B 183 3.16 -11.96 -16.11
N ALA B 184 4.43 -11.72 -15.75
CA ALA B 184 5.21 -10.65 -16.33
C ALA B 184 5.43 -10.87 -17.83
N ALA B 185 5.56 -12.14 -18.22
CA ALA B 185 5.78 -12.51 -19.62
C ALA B 185 4.49 -12.33 -20.41
N LYS B 186 3.38 -12.79 -19.82
CA LYS B 186 2.09 -12.75 -20.50
C LYS B 186 1.78 -11.29 -20.84
N ILE B 187 1.96 -10.40 -19.85
CA ILE B 187 1.78 -8.97 -20.02
C ILE B 187 2.64 -8.49 -21.17
N TYR B 188 3.93 -8.78 -21.10
CA TYR B 188 4.90 -8.35 -22.10
C TYR B 188 4.51 -8.85 -23.50
N ARG B 189 4.00 -10.08 -23.60
CA ARG B 189 3.72 -10.66 -24.90
C ARG B 189 2.40 -10.12 -25.46
N ASN B 190 1.44 -9.84 -24.56
CA ASN B 190 0.16 -9.29 -24.97
C ASN B 190 0.35 -7.86 -25.46
N LEU B 191 1.22 -7.09 -24.79
CA LEU B 191 1.36 -5.68 -25.12
C LEU B 191 2.26 -5.50 -26.34
N TYR B 192 3.24 -6.41 -26.53
CA TYR B 192 4.34 -6.13 -27.44
C TYR B 192 4.62 -7.30 -28.41
N ARG B 193 3.80 -8.35 -28.40
CA ARG B 193 4.02 -9.47 -29.30
C ARG B 193 2.70 -10.06 -29.78
N GLU B 194 1.72 -9.19 -30.07
CA GLU B 194 0.47 -9.58 -30.73
C GLU B 194 -0.21 -10.74 -29.99
N GLY B 195 -0.03 -10.83 -28.67
CA GLY B 195 -0.82 -11.73 -27.84
C GLY B 195 -0.34 -13.18 -27.87
N SER B 196 0.82 -13.45 -28.49
CA SER B 196 1.29 -14.81 -28.67
C SER B 196 1.57 -15.48 -27.31
N GLY B 197 1.73 -16.80 -27.32
CA GLY B 197 1.79 -17.59 -26.10
C GLY B 197 3.18 -17.60 -25.48
N ILE B 198 3.24 -17.87 -24.16
CA ILE B 198 4.46 -17.81 -23.38
C ILE B 198 5.19 -19.15 -23.41
N GLY B 199 4.49 -20.21 -23.81
CA GLY B 199 5.08 -21.53 -23.91
C GLY B 199 4.98 -22.30 -22.60
N ALA B 200 5.97 -23.16 -22.35
CA ALA B 200 5.99 -24.01 -21.17
C ALA B 200 7.24 -23.70 -20.35
N ILE B 201 7.16 -23.96 -19.05
CA ILE B 201 8.31 -23.89 -18.16
C ILE B 201 9.18 -25.13 -18.43
N ASP B 202 10.50 -24.98 -18.20
CA ASP B 202 11.45 -26.07 -18.30
C ASP B 202 12.08 -26.29 -16.93
N SER B 203 11.83 -27.48 -16.36
CA SER B 203 12.15 -27.79 -14.98
C SER B 203 13.65 -27.80 -14.71
N ASN B 204 14.49 -27.87 -15.76
CA ASN B 204 15.93 -27.93 -15.59
C ASN B 204 16.60 -26.61 -16.00
N LEU B 205 15.81 -25.52 -16.11
CA LEU B 205 16.35 -24.17 -16.22
C LEU B 205 16.19 -23.44 -14.89
N ASP B 206 16.88 -22.32 -14.75
CA ASP B 206 16.70 -21.45 -13.60
C ASP B 206 15.54 -20.48 -13.85
N TRP B 207 15.11 -19.82 -12.78
CA TRP B 207 14.03 -18.84 -12.76
C TRP B 207 14.22 -17.79 -13.85
N SER B 208 15.41 -17.18 -13.88
CA SER B 208 15.74 -16.09 -14.79
C SER B 208 15.72 -16.56 -16.25
N HIS B 209 16.18 -17.78 -16.51
CA HIS B 209 16.29 -18.28 -17.87
C HIS B 209 14.90 -18.58 -18.43
N ASN B 210 14.03 -19.17 -17.60
CA ASN B 210 12.64 -19.39 -17.97
C ASN B 210 11.97 -18.06 -18.28
N PHE B 211 12.25 -17.04 -17.45
CA PHE B 211 11.69 -15.71 -17.63
C PHE B 211 12.02 -15.21 -19.03
N THR B 212 13.32 -15.18 -19.38
CA THR B 212 13.75 -14.65 -20.66
C THR B 212 13.21 -15.54 -21.78
N ASN B 213 13.06 -16.84 -21.51
CA ASN B 213 12.47 -17.76 -22.47
C ASN B 213 11.03 -17.37 -22.77
N MET B 214 10.26 -17.11 -21.71
CA MET B 214 8.85 -16.77 -21.83
C MET B 214 8.70 -15.39 -22.47
N LEU B 215 9.68 -14.52 -22.29
CA LEU B 215 9.62 -13.18 -22.85
C LEU B 215 9.74 -13.27 -24.37
N GLY B 216 10.60 -14.19 -24.84
CA GLY B 216 10.81 -14.40 -26.27
C GLY B 216 12.27 -14.18 -26.65
N TYR B 217 13.09 -13.81 -25.67
CA TYR B 217 14.50 -13.58 -25.88
C TYR B 217 15.22 -14.92 -25.83
N THR B 218 16.32 -15.00 -26.59
CA THR B 218 17.18 -16.18 -26.65
C THR B 218 18.62 -15.70 -26.74
N ASP B 219 19.00 -14.83 -25.81
CA ASP B 219 20.37 -14.33 -25.74
C ASP B 219 20.94 -14.79 -24.40
N HIS B 220 22.18 -15.28 -24.45
CA HIS B 220 22.88 -15.72 -23.25
C HIS B 220 23.18 -14.52 -22.36
N GLN B 221 23.78 -13.48 -22.95
CA GLN B 221 24.26 -12.32 -22.22
C GLN B 221 23.10 -11.48 -21.68
N PHE B 222 21.92 -11.62 -22.30
CA PHE B 222 20.72 -10.99 -21.80
C PHE B 222 20.31 -11.67 -20.49
N THR B 223 20.34 -13.00 -20.54
CA THR B 223 19.93 -13.85 -19.44
C THR B 223 20.87 -13.64 -18.25
N GLU B 224 22.15 -13.42 -18.54
CA GLU B 224 23.13 -13.04 -17.52
C GLU B 224 22.75 -11.69 -16.93
N LEU B 225 22.27 -10.79 -17.79
CA LEU B 225 21.90 -9.46 -17.33
C LEU B 225 20.72 -9.62 -16.38
N THR B 226 19.65 -10.24 -16.86
CA THR B 226 18.47 -10.53 -16.07
C THR B 226 18.87 -11.07 -14.71
N ARG B 227 19.77 -12.07 -14.72
CA ARG B 227 20.24 -12.69 -13.49
C ARG B 227 20.74 -11.62 -12.53
N LEU B 228 21.66 -10.77 -13.00
CA LEU B 228 22.22 -9.72 -12.18
C LEU B 228 21.15 -8.71 -11.77
N TYR B 229 20.38 -8.24 -12.77
CA TYR B 229 19.35 -7.24 -12.56
C TYR B 229 18.46 -7.68 -11.40
N LEU B 230 17.94 -8.91 -11.52
CA LEU B 230 17.01 -9.45 -10.54
C LEU B 230 17.66 -9.57 -9.16
N THR B 231 18.95 -9.91 -9.09
CA THR B 231 19.63 -9.97 -7.81
C THR B 231 19.71 -8.58 -7.17
N ILE B 232 20.30 -7.60 -7.88
CA ILE B 232 20.68 -6.34 -7.27
C ILE B 232 19.48 -5.42 -7.02
N HIS B 233 18.30 -5.69 -7.63
CA HIS B 233 17.11 -4.88 -7.40
C HIS B 233 16.21 -5.50 -6.33
N SER B 234 16.66 -6.62 -5.73
CA SER B 234 15.79 -7.51 -4.97
C SER B 234 15.30 -6.86 -3.68
N ASP B 235 16.13 -6.01 -3.06
CA ASP B 235 15.86 -5.53 -1.72
C ASP B 235 16.67 -4.28 -1.45
N HIS B 236 16.12 -3.36 -0.65
CA HIS B 236 16.82 -2.11 -0.37
C HIS B 236 16.25 -1.51 0.92
N GLU B 237 16.38 -2.26 2.02
CA GLU B 237 15.87 -1.84 3.32
C GLU B 237 14.35 -1.90 3.33
N GLY B 238 13.76 -1.58 4.49
CA GLY B 238 12.31 -1.59 4.66
C GLY B 238 11.68 -0.22 4.40
N GLY B 239 12.54 0.80 4.29
CA GLY B 239 12.07 2.18 4.31
C GLY B 239 11.59 2.67 2.95
N ASN B 240 11.96 1.95 1.87
CA ASN B 240 11.58 2.36 0.54
C ASN B 240 10.07 2.15 0.39
N VAL B 241 9.44 2.95 -0.48
CA VAL B 241 8.00 2.96 -0.58
C VAL B 241 7.47 1.54 -0.78
N SER B 242 8.10 0.75 -1.66
CA SER B 242 7.54 -0.55 -2.02
C SER B 242 7.72 -1.57 -0.89
N ALA B 243 8.86 -1.51 -0.17
CA ALA B 243 9.09 -2.40 0.97
C ALA B 243 8.22 -1.95 2.14
N HIS B 244 8.11 -0.65 2.35
CA HIS B 244 7.31 -0.16 3.46
C HIS B 244 5.85 -0.56 3.23
N THR B 245 5.37 -0.39 1.98
CA THR B 245 4.01 -0.73 1.64
C THR B 245 3.76 -2.21 1.93
N SER B 246 4.64 -3.12 1.47
CA SER B 246 4.42 -4.55 1.68
C SER B 246 4.37 -4.87 3.16
N HIS B 247 5.22 -4.20 3.92
CA HIS B 247 5.32 -4.37 5.36
C HIS B 247 4.04 -3.86 6.00
N LEU B 248 3.63 -2.67 5.59
CA LEU B 248 2.44 -2.03 6.16
C LEU B 248 1.22 -2.93 5.94
N VAL B 249 0.99 -3.35 4.69
CA VAL B 249 -0.21 -4.11 4.34
C VAL B 249 -0.09 -5.52 4.92
N GLY B 250 1.15 -6.07 4.93
CA GLY B 250 1.41 -7.36 5.52
C GLY B 250 1.07 -7.40 7.01
N SER B 251 1.31 -6.29 7.71
CA SER B 251 1.15 -6.21 9.15
C SER B 251 -0.33 -6.29 9.54
N ALA B 252 -1.23 -6.04 8.58
CA ALA B 252 -2.66 -6.22 8.80
C ALA B 252 -3.04 -7.67 8.56
N LEU B 253 -2.03 -8.51 8.31
CA LEU B 253 -2.20 -9.94 8.03
C LEU B 253 -2.88 -10.16 6.69
N SER B 254 -2.72 -9.22 5.76
CA SER B 254 -3.04 -9.49 4.37
C SER B 254 -2.01 -10.48 3.81
N ASP B 255 -2.49 -11.35 2.92
CA ASP B 255 -1.69 -12.42 2.36
C ASP B 255 -0.65 -11.85 1.38
N PRO B 256 0.40 -12.60 1.01
CA PRO B 256 1.45 -12.09 0.13
C PRO B 256 0.99 -11.47 -1.19
N TYR B 257 -0.09 -12.01 -1.79
CA TYR B 257 -0.59 -11.48 -3.05
C TYR B 257 -1.03 -10.03 -2.85
N LEU B 258 -1.86 -9.76 -1.83
CA LEU B 258 -2.36 -8.43 -1.57
C LEU B 258 -1.23 -7.47 -1.18
N SER B 259 -0.29 -7.96 -0.35
CA SER B 259 0.81 -7.13 0.12
C SER B 259 1.72 -6.73 -1.03
N PHE B 260 2.06 -7.70 -1.90
CA PHE B 260 2.95 -7.47 -3.02
C PHE B 260 2.26 -6.56 -4.04
N ALA B 261 0.98 -6.81 -4.27
CA ALA B 261 0.21 -5.99 -5.21
C ALA B 261 0.32 -4.53 -4.78
N ALA B 262 0.04 -4.28 -3.50
CA ALA B 262 0.08 -2.93 -2.96
C ALA B 262 1.48 -2.33 -3.18
N ALA B 263 2.51 -3.13 -2.92
CA ALA B 263 3.89 -2.69 -3.07
C ALA B 263 4.19 -2.30 -4.52
N MET B 264 3.51 -2.94 -5.47
CA MET B 264 3.70 -2.67 -6.89
C MET B 264 3.07 -1.32 -7.23
N ASN B 265 1.89 -1.04 -6.66
CA ASN B 265 1.26 0.26 -6.77
C ASN B 265 2.19 1.34 -6.22
N GLY B 266 2.94 1.01 -5.16
CA GLY B 266 3.95 1.93 -4.65
C GLY B 266 5.10 2.07 -5.64
N LEU B 267 5.57 0.94 -6.17
CA LEU B 267 6.70 0.94 -7.08
C LEU B 267 6.38 1.71 -8.36
N ALA B 268 5.10 1.70 -8.78
CA ALA B 268 4.64 2.35 -10.00
C ALA B 268 4.79 3.87 -9.95
N GLY B 269 4.96 4.44 -8.75
CA GLY B 269 5.07 5.88 -8.61
C GLY B 269 6.34 6.42 -9.27
N PRO B 270 6.26 7.56 -9.98
CA PRO B 270 7.43 8.24 -10.52
C PRO B 270 8.67 8.38 -9.64
N LEU B 271 8.48 8.65 -8.35
CA LEU B 271 9.60 8.87 -7.45
C LEU B 271 10.15 7.56 -6.89
N HIS B 272 9.58 6.43 -7.31
CA HIS B 272 10.08 5.12 -6.93
C HIS B 272 10.56 4.42 -8.21
N GLY B 273 9.79 3.44 -8.70
CA GLY B 273 10.27 2.49 -9.68
C GLY B 273 10.27 3.04 -11.11
N LEU B 274 9.50 4.11 -11.35
CA LEU B 274 9.34 4.69 -12.68
C LEU B 274 10.51 5.57 -13.07
N ALA B 275 11.54 5.71 -12.21
CA ALA B 275 12.72 6.50 -12.53
C ALA B 275 13.54 5.83 -13.64
N ASN B 276 13.38 4.51 -13.79
CA ASN B 276 14.11 3.72 -14.78
C ASN B 276 13.76 4.23 -16.18
N GLN B 277 12.48 4.52 -16.42
CA GLN B 277 12.03 5.05 -17.71
C GLN B 277 12.54 6.48 -17.87
N GLU B 278 12.15 7.33 -16.90
CA GLU B 278 12.47 8.75 -16.91
C GLU B 278 13.87 8.99 -17.47
N VAL B 279 14.82 8.18 -16.99
CA VAL B 279 16.21 8.34 -17.38
C VAL B 279 16.32 8.19 -18.88
N LEU B 280 15.70 7.13 -19.44
CA LEU B 280 15.93 6.75 -20.83
C LEU B 280 15.25 7.73 -21.78
N VAL B 281 14.12 8.30 -21.33
CA VAL B 281 13.47 9.39 -22.05
C VAL B 281 14.43 10.57 -22.17
N TRP B 282 14.95 10.99 -21.00
CA TRP B 282 15.82 12.14 -20.89
C TRP B 282 17.15 11.91 -21.61
N LEU B 283 17.57 10.64 -21.69
CA LEU B 283 18.79 10.29 -22.42
C LEU B 283 18.57 10.44 -23.92
N THR B 284 17.43 9.93 -24.39
CA THR B 284 17.13 9.92 -25.82
C THR B 284 16.82 11.33 -26.30
N GLN B 285 16.01 12.07 -25.53
CA GLN B 285 15.65 13.44 -25.89
C GLN B 285 16.90 14.33 -25.84
N LEU B 286 17.87 13.96 -24.99
CA LEU B 286 19.19 14.58 -25.02
C LEU B 286 19.83 14.30 -26.38
N GLN B 287 19.78 13.04 -26.82
CA GLN B 287 20.35 12.65 -28.10
C GLN B 287 19.47 13.14 -29.25
N LYS B 288 18.46 13.95 -28.94
CA LYS B 288 17.61 14.60 -29.93
C LYS B 288 17.96 16.08 -30.04
N GLU B 289 18.17 16.74 -28.90
CA GLU B 289 18.61 18.12 -28.88
C GLU B 289 20.00 18.22 -29.50
N VAL B 290 20.94 17.41 -28.98
CA VAL B 290 22.25 17.26 -29.59
C VAL B 290 22.13 16.13 -30.62
N GLY B 291 23.27 15.68 -31.15
CA GLY B 291 23.29 14.50 -32.01
C GLY B 291 23.13 13.22 -31.20
N LYS B 292 23.66 12.11 -31.73
CA LYS B 292 23.73 10.86 -31.00
C LYS B 292 25.17 10.64 -30.51
N ASP B 293 26.04 11.65 -30.70
CA ASP B 293 27.45 11.54 -30.38
C ASP B 293 27.95 12.89 -29.89
N VAL B 294 27.51 13.27 -28.68
CA VAL B 294 27.94 14.50 -28.04
C VAL B 294 29.26 14.24 -27.31
N SER B 295 30.13 15.26 -27.28
CA SER B 295 31.42 15.16 -26.62
C SER B 295 31.25 15.50 -25.13
N ASP B 296 32.07 16.42 -24.62
CA ASP B 296 31.99 16.88 -23.23
C ASP B 296 31.51 18.33 -23.18
N GLU B 297 31.90 19.13 -24.19
CA GLU B 297 31.57 20.55 -24.24
C GLU B 297 30.06 20.75 -24.22
N LYS B 298 29.40 20.35 -25.32
CA LYS B 298 27.96 20.44 -25.43
C LYS B 298 27.31 19.73 -24.25
N LEU B 299 27.93 18.60 -23.84
CA LEU B 299 27.43 17.78 -22.76
C LEU B 299 27.37 18.59 -21.47
N ARG B 300 28.42 19.38 -21.20
CA ARG B 300 28.48 20.20 -20.00
C ARG B 300 27.38 21.26 -20.03
N ASP B 301 26.98 21.67 -21.25
CA ASP B 301 25.94 22.67 -21.43
C ASP B 301 24.56 22.07 -21.13
N TYR B 302 24.24 20.93 -21.75
CA TYR B 302 22.93 20.31 -21.62
C TYR B 302 22.65 20.00 -20.15
N ILE B 303 23.70 19.56 -19.43
CA ILE B 303 23.60 19.29 -18.00
C ILE B 303 23.24 20.57 -17.26
N TRP B 304 23.96 21.66 -17.56
CA TRP B 304 23.77 22.93 -16.87
C TRP B 304 22.43 23.56 -17.24
N ASN B 305 22.01 23.40 -18.50
CA ASN B 305 20.75 23.94 -18.97
C ASN B 305 19.58 23.24 -18.28
N THR B 306 19.74 21.94 -17.98
CA THR B 306 18.75 21.19 -17.23
C THR B 306 18.79 21.61 -15.76
N LEU B 307 19.94 22.12 -15.31
CA LEU B 307 20.16 22.45 -13.90
C LEU B 307 20.17 23.96 -13.67
N ASN B 308 19.67 24.73 -14.64
CA ASN B 308 19.44 26.16 -14.45
C ASN B 308 17.96 26.49 -14.67
N SER B 309 17.34 25.83 -15.65
CA SER B 309 15.95 26.07 -16.00
C SER B 309 15.01 25.49 -14.93
N GLY B 310 15.55 24.64 -14.05
CA GLY B 310 14.83 24.20 -12.86
C GLY B 310 14.36 22.75 -13.00
N ARG B 311 15.30 21.86 -13.31
CA ARG B 311 15.01 20.45 -13.53
C ARG B 311 16.09 19.61 -12.87
N VAL B 312 15.89 18.28 -12.91
CA VAL B 312 16.71 17.33 -12.18
C VAL B 312 17.43 16.43 -13.20
N VAL B 313 18.70 16.09 -12.90
CA VAL B 313 19.40 15.08 -13.69
C VAL B 313 18.87 13.73 -13.22
N PRO B 314 18.15 12.97 -14.10
CA PRO B 314 17.42 11.78 -13.67
C PRO B 314 18.35 10.61 -13.37
N GLY B 315 17.92 9.76 -12.43
CA GLY B 315 18.72 8.64 -11.96
C GLY B 315 19.94 9.11 -11.15
N TYR B 316 19.93 10.36 -10.69
CA TYR B 316 20.96 10.86 -9.79
C TYR B 316 20.25 11.32 -8.51
N GLY B 317 20.83 10.99 -7.36
CA GLY B 317 20.27 11.40 -6.07
C GLY B 317 19.57 10.25 -5.35
N HIS B 318 19.42 10.39 -4.02
CA HIS B 318 18.79 9.38 -3.20
C HIS B 318 18.33 10.00 -1.88
N ALA B 319 17.45 9.28 -1.16
CA ALA B 319 16.85 9.77 0.06
C ALA B 319 17.72 9.48 1.29
N VAL B 320 18.70 8.57 1.14
CA VAL B 320 19.63 8.28 2.22
C VAL B 320 21.04 8.03 1.68
N LEU B 321 21.18 7.34 0.55
CA LEU B 321 22.50 7.17 -0.05
C LEU B 321 23.08 8.53 -0.40
N ARG B 322 24.34 8.74 0.01
CA ARG B 322 25.04 9.99 -0.21
C ARG B 322 26.31 9.79 -1.04
N LYS B 323 26.55 8.55 -1.49
CA LYS B 323 27.61 8.26 -2.45
C LYS B 323 27.00 7.54 -3.65
N THR B 324 27.78 7.42 -4.72
CA THR B 324 27.51 6.51 -5.82
C THR B 324 26.93 5.19 -5.28
N ASP B 325 25.83 4.75 -5.90
CA ASP B 325 25.14 3.53 -5.52
C ASP B 325 25.98 2.34 -6.00
N PRO B 326 26.28 1.32 -5.15
CA PRO B 326 26.97 0.13 -5.63
C PRO B 326 26.20 -0.64 -6.70
N ARG B 327 24.88 -0.42 -6.76
CA ARG B 327 24.06 -0.98 -7.81
C ARG B 327 24.39 -0.33 -9.15
N TYR B 328 24.66 0.99 -9.15
CA TYR B 328 25.10 1.67 -10.34
C TYR B 328 26.46 1.11 -10.78
N THR B 329 27.41 1.15 -9.85
CA THR B 329 28.77 0.67 -10.06
C THR B 329 28.74 -0.71 -10.73
N CYS B 330 27.86 -1.58 -10.22
CA CYS B 330 27.79 -2.97 -10.66
C CYS B 330 27.29 -3.07 -12.10
N GLN B 331 26.27 -2.27 -12.44
CA GLN B 331 25.72 -2.22 -13.80
C GLN B 331 26.73 -1.60 -14.76
N ARG B 332 27.48 -0.60 -14.29
CA ARG B 332 28.52 0.04 -15.08
C ARG B 332 29.61 -0.96 -15.43
N GLU B 333 30.07 -1.72 -14.42
CA GLU B 333 31.12 -2.72 -14.61
C GLU B 333 30.68 -3.75 -15.65
N PHE B 334 29.40 -4.12 -15.62
CA PHE B 334 28.85 -5.08 -16.56
C PHE B 334 28.98 -4.53 -17.99
N ALA B 335 28.74 -3.22 -18.15
CA ALA B 335 28.74 -2.58 -19.46
C ALA B 335 30.15 -2.47 -20.03
N LEU B 336 31.11 -2.15 -19.15
CA LEU B 336 32.51 -2.05 -19.54
C LEU B 336 32.99 -3.34 -20.19
N LYS B 337 32.36 -4.47 -19.86
CA LYS B 337 32.80 -5.78 -20.34
C LYS B 337 32.08 -6.18 -21.63
N HIS B 338 30.76 -5.94 -21.69
CA HIS B 338 29.92 -6.58 -22.68
C HIS B 338 29.47 -5.62 -23.78
N LEU B 339 29.19 -4.35 -23.44
CA LEU B 339 28.77 -3.38 -24.45
C LEU B 339 29.52 -2.06 -24.28
N PRO B 340 30.87 -2.05 -24.33
CA PRO B 340 31.66 -0.85 -24.07
C PRO B 340 31.61 0.30 -25.07
N ASN B 341 31.15 0.05 -26.30
CA ASN B 341 31.13 1.08 -27.33
C ASN B 341 29.70 1.47 -27.69
N ASP B 342 28.73 1.14 -26.82
CA ASP B 342 27.34 1.46 -27.07
C ASP B 342 27.11 2.97 -26.97
N PRO B 343 26.51 3.63 -27.99
CA PRO B 343 26.26 5.06 -27.93
C PRO B 343 25.53 5.53 -26.68
N MET B 344 24.54 4.75 -26.23
CA MET B 344 23.72 5.14 -25.10
C MET B 344 24.52 4.96 -23.81
N PHE B 345 25.34 3.92 -23.74
CA PHE B 345 26.14 3.66 -22.55
C PHE B 345 27.18 4.76 -22.38
N LYS B 346 27.88 5.09 -23.47
CA LYS B 346 28.98 6.05 -23.41
C LYS B 346 28.44 7.42 -23.04
N LEU B 347 27.16 7.68 -23.37
CA LEU B 347 26.47 8.87 -22.92
C LEU B 347 26.27 8.79 -21.41
N VAL B 348 25.73 7.65 -20.95
CA VAL B 348 25.59 7.35 -19.53
C VAL B 348 26.95 7.53 -18.86
N ALA B 349 27.98 6.88 -19.43
CA ALA B 349 29.33 6.92 -18.88
C ALA B 349 29.82 8.37 -18.77
N GLN B 350 29.60 9.16 -19.83
CA GLN B 350 30.09 10.53 -19.90
C GLN B 350 29.44 11.40 -18.82
N LEU B 351 28.18 11.13 -18.50
CA LEU B 351 27.46 11.86 -17.47
C LEU B 351 28.07 11.57 -16.09
N TYR B 352 28.63 10.37 -15.92
CA TYR B 352 29.27 9.97 -14.68
C TYR B 352 30.58 10.72 -14.49
N LYS B 353 31.15 11.25 -15.58
CA LYS B 353 32.36 12.05 -15.52
C LYS B 353 32.02 13.49 -15.11
N ILE B 354 30.89 13.99 -15.62
CA ILE B 354 30.59 15.41 -15.60
C ILE B 354 29.60 15.74 -14.48
N VAL B 355 28.52 14.96 -14.36
CA VAL B 355 27.40 15.30 -13.49
C VAL B 355 27.83 15.32 -12.02
N PRO B 356 28.68 14.39 -11.53
CA PRO B 356 29.12 14.44 -10.13
C PRO B 356 30.19 15.48 -9.79
N ASN B 357 30.37 16.48 -10.67
CA ASN B 357 31.16 17.66 -10.36
C ASN B 357 30.26 18.89 -10.32
N VAL B 358 29.21 18.92 -11.16
CA VAL B 358 28.38 20.10 -11.34
C VAL B 358 27.22 20.11 -10.34
N LEU B 359 26.89 18.95 -9.76
CA LEU B 359 25.78 18.86 -8.81
C LEU B 359 26.24 19.28 -7.41
N LEU B 360 27.50 18.97 -7.09
CA LEU B 360 28.10 19.38 -5.83
C LEU B 360 28.77 20.75 -5.98
N GLU B 361 28.76 21.29 -7.21
CA GLU B 361 29.12 22.69 -7.46
C GLU B 361 27.95 23.61 -7.14
N GLN B 362 26.78 23.28 -7.69
CA GLN B 362 25.60 24.13 -7.64
C GLN B 362 24.91 24.07 -6.28
N GLY B 363 25.13 22.98 -5.53
CA GLY B 363 24.43 22.74 -4.28
C GLY B 363 22.98 22.35 -4.55
N LYS B 364 22.06 22.90 -3.76
CA LYS B 364 20.63 22.65 -3.94
C LYS B 364 20.35 21.15 -4.06
N ALA B 365 21.03 20.34 -3.22
CA ALA B 365 20.93 18.88 -3.27
C ALA B 365 21.64 18.28 -2.05
N LYS B 366 21.68 16.94 -1.98
CA LYS B 366 22.45 16.24 -0.96
C LYS B 366 23.23 15.07 -1.56
N ASN B 367 22.59 14.27 -2.41
CA ASN B 367 23.25 13.18 -3.12
C ASN B 367 23.43 13.59 -4.58
N PRO B 368 24.66 13.98 -5.00
CA PRO B 368 24.93 14.31 -6.41
C PRO B 368 25.38 13.13 -7.27
N TRP B 369 25.42 11.93 -6.68
CA TRP B 369 25.90 10.75 -7.36
C TRP B 369 24.71 9.96 -7.90
N PRO B 370 24.93 9.00 -8.84
CA PRO B 370 23.82 8.27 -9.43
C PRO B 370 23.23 7.15 -8.58
N ASN B 371 22.02 6.70 -8.97
CA ASN B 371 21.38 5.54 -8.38
C ASN B 371 21.17 4.47 -9.44
N VAL B 372 20.63 3.33 -9.01
CA VAL B 372 20.52 2.12 -9.81
C VAL B 372 19.76 2.38 -11.12
N ASP B 373 18.77 3.28 -11.08
CA ASP B 373 17.88 3.52 -12.21
C ASP B 373 18.55 4.34 -13.31
N ALA B 374 19.71 4.96 -13.03
CA ALA B 374 20.43 5.74 -14.03
C ALA B 374 21.05 4.84 -15.10
N HIS B 375 21.10 3.52 -14.84
CA HIS B 375 21.97 2.67 -15.64
C HIS B 375 21.21 1.50 -16.27
N SER B 376 20.09 1.08 -15.67
CA SER B 376 19.46 -0.17 -16.06
C SER B 376 18.92 -0.07 -17.48
N GLY B 377 18.37 1.11 -17.80
CA GLY B 377 17.70 1.36 -19.06
C GLY B 377 18.56 1.00 -20.27
N VAL B 378 19.82 1.47 -20.28
CA VAL B 378 20.69 1.30 -21.43
C VAL B 378 21.02 -0.18 -21.61
N LEU B 379 21.12 -0.93 -20.50
CA LEU B 379 21.43 -2.35 -20.55
C LEU B 379 20.28 -3.08 -21.23
N LEU B 380 19.05 -2.87 -20.74
CA LEU B 380 17.87 -3.49 -21.32
C LEU B 380 17.77 -3.17 -22.81
N GLN B 381 17.95 -1.88 -23.14
CA GLN B 381 17.76 -1.36 -24.49
C GLN B 381 18.76 -2.01 -25.45
N TYR B 382 19.99 -2.25 -24.98
CA TYR B 382 21.03 -2.83 -25.82
C TYR B 382 20.57 -4.20 -26.36
N TYR B 383 19.76 -4.92 -25.58
CA TYR B 383 19.43 -6.30 -25.87
C TYR B 383 18.06 -6.47 -26.53
N GLY B 384 17.45 -5.37 -27.01
CA GLY B 384 16.20 -5.45 -27.74
C GLY B 384 14.96 -5.19 -26.89
N MET B 385 15.13 -5.13 -25.55
CA MET B 385 14.07 -4.73 -24.63
C MET B 385 13.99 -3.20 -24.66
N THR B 386 13.16 -2.67 -25.57
CA THR B 386 13.13 -1.25 -25.86
C THR B 386 11.86 -0.61 -25.28
N GLU B 387 10.96 -1.43 -24.74
CA GLU B 387 9.66 -0.97 -24.27
C GLU B 387 9.80 -0.39 -22.86
N MET B 388 10.27 0.85 -22.79
CA MET B 388 10.52 1.56 -21.54
C MET B 388 9.44 1.23 -20.50
N ASN B 389 8.17 1.35 -20.89
CA ASN B 389 7.07 1.31 -19.94
C ASN B 389 6.97 -0.05 -19.26
N TYR B 390 7.72 -1.04 -19.75
CA TYR B 390 7.72 -2.37 -19.16
C TYR B 390 8.83 -2.51 -18.12
N TYR B 391 9.74 -1.55 -18.04
CA TYR B 391 10.98 -1.75 -17.29
C TYR B 391 10.70 -1.93 -15.80
N THR B 392 9.71 -1.22 -15.25
CA THR B 392 9.50 -1.26 -13.82
C THR B 392 8.98 -2.64 -13.42
N VAL B 393 8.28 -3.31 -14.35
CA VAL B 393 7.77 -4.65 -14.12
C VAL B 393 8.93 -5.59 -13.77
N LEU B 394 10.06 -5.42 -14.46
CA LEU B 394 11.24 -6.21 -14.19
C LEU B 394 11.69 -5.92 -12.76
N PHE B 395 11.67 -4.63 -12.40
CA PHE B 395 11.89 -4.20 -11.04
C PHE B 395 10.95 -4.97 -10.13
N GLY B 396 9.66 -4.89 -10.41
CA GLY B 396 8.65 -5.58 -9.60
C GLY B 396 9.03 -7.02 -9.31
N VAL B 397 9.41 -7.77 -10.35
CA VAL B 397 9.65 -9.20 -10.21
C VAL B 397 10.84 -9.43 -9.27
N SER B 398 11.82 -8.53 -9.35
CA SER B 398 13.02 -8.64 -8.53
C SER B 398 12.71 -8.37 -7.06
N ARG B 399 11.97 -7.27 -6.81
CA ARG B 399 11.75 -6.76 -5.48
C ARG B 399 10.85 -7.73 -4.69
N ALA B 400 10.15 -8.64 -5.38
CA ALA B 400 9.38 -9.69 -4.73
C ALA B 400 10.28 -10.54 -3.85
N LEU B 401 11.50 -10.80 -4.34
CA LEU B 401 12.43 -11.64 -3.60
C LEU B 401 12.63 -11.04 -2.21
N GLY B 402 12.97 -9.75 -2.18
CA GLY B 402 13.31 -9.07 -0.93
C GLY B 402 12.12 -8.94 0.01
N VAL B 403 10.98 -8.44 -0.51
CA VAL B 403 9.88 -8.07 0.35
C VAL B 403 9.17 -9.33 0.86
N LEU B 404 9.14 -10.38 0.05
CA LEU B 404 8.53 -11.63 0.47
C LEU B 404 9.48 -12.30 1.47
N ALA B 405 10.79 -12.26 1.19
CA ALA B 405 11.74 -12.77 2.18
C ALA B 405 11.45 -12.14 3.55
N GLN B 406 11.18 -10.83 3.59
CA GLN B 406 10.93 -10.13 4.84
C GLN B 406 9.60 -10.55 5.47
N LEU B 407 8.58 -10.76 4.63
CA LEU B 407 7.22 -10.95 5.11
C LEU B 407 7.12 -12.26 5.89
N ILE B 408 7.85 -13.27 5.40
CA ILE B 408 7.98 -14.56 6.07
C ILE B 408 8.43 -14.33 7.51
N TRP B 409 9.47 -13.52 7.67
CA TRP B 409 10.05 -13.23 8.97
C TRP B 409 9.14 -12.36 9.84
N SER B 410 8.44 -11.40 9.24
CA SER B 410 7.54 -10.55 10.01
C SER B 410 6.47 -11.38 10.71
N ARG B 411 5.94 -12.40 10.01
CA ARG B 411 4.87 -13.23 10.53
C ARG B 411 5.42 -14.38 11.38
N ALA B 412 6.72 -14.66 11.27
CA ALA B 412 7.36 -15.61 12.17
C ALA B 412 7.73 -14.92 13.48
N LEU B 413 8.12 -13.64 13.40
CA LEU B 413 8.54 -12.87 14.56
C LEU B 413 7.35 -12.12 15.17
N GLY B 414 6.15 -12.39 14.65
CA GLY B 414 4.92 -11.77 15.12
C GLY B 414 5.02 -10.26 15.23
N PHE B 415 5.48 -9.59 14.15
CA PHE B 415 5.39 -8.15 14.11
C PHE B 415 3.91 -7.77 14.08
N PRO B 416 3.47 -6.77 14.86
CA PRO B 416 2.06 -6.38 14.91
C PRO B 416 1.73 -5.26 13.93
N LEU B 417 0.44 -5.02 13.74
CA LEU B 417 -0.09 -3.99 12.86
C LEU B 417 0.76 -2.73 13.00
N GLU B 418 1.28 -2.23 11.88
CA GLU B 418 1.86 -0.90 11.82
C GLU B 418 0.72 0.12 11.93
N ARG B 419 0.83 1.01 12.91
CA ARG B 419 -0.26 1.92 13.21
C ARG B 419 0.28 3.11 13.98
N PRO B 420 1.01 4.03 13.30
CA PRO B 420 1.53 5.23 13.96
C PRO B 420 0.40 6.19 14.26
N LYS B 421 0.76 7.29 14.93
CA LYS B 421 -0.14 8.39 15.23
C LYS B 421 0.09 9.52 14.24
N SER B 422 -0.99 10.07 13.68
CA SER B 422 -0.90 11.21 12.79
C SER B 422 -1.29 12.50 13.52
N MET B 423 -1.01 13.64 12.88
CA MET B 423 -1.36 14.96 13.41
C MET B 423 -1.77 15.88 12.27
N SER B 424 -2.79 16.70 12.53
CA SER B 424 -3.05 17.87 11.69
C SER B 424 -2.04 18.97 12.04
N THR B 425 -1.93 19.96 11.17
CA THR B 425 -1.11 21.13 11.44
C THR B 425 -1.73 21.87 12.63
N GLU B 426 -3.04 22.12 12.53
CA GLU B 426 -3.82 22.71 13.62
C GLU B 426 -3.46 22.04 14.95
N GLY B 427 -3.59 20.71 14.99
CA GLY B 427 -3.33 19.92 16.20
C GLY B 427 -1.85 19.94 16.58
N LEU B 428 -0.97 19.95 15.59
CA LEU B 428 0.47 20.08 15.81
C LEU B 428 0.77 21.40 16.51
N MET B 429 0.07 22.46 16.09
CA MET B 429 0.34 23.80 16.60
C MET B 429 0.03 23.85 18.09
N LYS B 430 -1.13 23.32 18.49
CA LYS B 430 -1.53 23.38 19.88
C LYS B 430 -0.60 22.51 20.72
N PHE B 431 -0.09 21.41 20.14
CA PHE B 431 0.75 20.48 20.88
C PHE B 431 2.03 21.18 21.30
N VAL B 432 2.70 21.89 20.36
CA VAL B 432 3.96 22.55 20.65
C VAL B 432 3.69 23.74 21.57
N ASP B 433 2.51 24.35 21.42
CA ASP B 433 2.02 25.38 22.33
C ASP B 433 1.48 24.75 23.60
N SER B 434 2.23 23.79 24.17
CA SER B 434 1.79 23.03 25.33
C SER B 434 1.35 23.99 26.44
#